data_7BSG
# 
_entry.id   7BSG 
# 
_audit_conform.dict_name       mmcif_pdbx.dic 
_audit_conform.dict_version    5.380 
_audit_conform.dict_location   http://mmcif.pdb.org/dictionaries/ascii/mmcif_pdbx.dic 
# 
loop_
_database_2.database_id 
_database_2.database_code 
_database_2.pdbx_database_accession 
_database_2.pdbx_DOI 
PDB   7BSG         pdb_00007bsg 10.2210/pdb7bsg/pdb 
WWPDB D_1300016346 ?            ?                   
# 
_pdbx_database_related.db_name        PDB 
_pdbx_database_related.details        'Original sequence' 
_pdbx_database_related.db_id          6JR4 
_pdbx_database_related.content_type   unspecified 
# 
_pdbx_database_status.status_code                     REL 
_pdbx_database_status.status_code_sf                  REL 
_pdbx_database_status.status_code_mr                  ? 
_pdbx_database_status.entry_id                        7BSG 
_pdbx_database_status.recvd_initial_deposition_date   2020-03-30 
_pdbx_database_status.SG_entry                        N 
_pdbx_database_status.deposit_site                    PDBJ 
_pdbx_database_status.process_site                    PDBJ 
_pdbx_database_status.status_code_cs                  ? 
_pdbx_database_status.status_code_nmr_data            ? 
_pdbx_database_status.methods_development_category    ? 
_pdbx_database_status.pdb_format_compatible           Y 
# 
loop_
_audit_author.name 
_audit_author.pdbx_ordinal 
_audit_author.identifier_ORCID 
'Kondo, J.'     1 ? 
'Cerretani, C.' 2 ? 
'Vosch, T.'     3 ? 
# 
_citation.abstract                  ? 
_citation.abstract_id_CAS           ? 
_citation.book_id_ISBN              ? 
_citation.book_publisher            ? 
_citation.book_publisher_city       ? 
_citation.book_title                ? 
_citation.coordinate_linkage        ? 
_citation.country                   UK 
_citation.database_id_Medline       ? 
_citation.details                   ? 
_citation.id                        primary 
_citation.journal_abbrev            CrystEngComm 
_citation.journal_id_ASTM           ? 
_citation.journal_id_CSD            0353 
_citation.journal_id_ISSN           1466-8033 
_citation.journal_full              ? 
_citation.journal_issue             ? 
_citation.journal_volume            22 
_citation.language                  ? 
_citation.page_first                8136 
_citation.page_last                 8141 
_citation.title                     
'Mutation of position 5 as a crystal engineering tool for a NIR-emitting DNA-stabilized Ag16 nanocluster.' 
_citation.year                      2020 
_citation.database_id_CSD           ? 
_citation.pdbx_database_id_DOI      10.1039/D0CE01225D 
_citation.pdbx_database_id_PubMed   ? 
_citation.unpublished_flag          ? 
# 
loop_
_citation_author.citation_id 
_citation_author.name 
_citation_author.ordinal 
_citation_author.identifier_ORCID 
primary 'Cerretani, C.' 1 ? 
primary 'Kondo, J.'     2 ? 
primary 'Vosch, T.'     3 ? 
# 
_cell.angle_alpha                  90.000 
_cell.angle_alpha_esd              ? 
_cell.angle_beta                   90.000 
_cell.angle_beta_esd               ? 
_cell.angle_gamma                  90.000 
_cell.angle_gamma_esd              ? 
_cell.entry_id                     7BSG 
_cell.details                      ? 
_cell.formula_units_Z              ? 
_cell.length_a                     29.882 
_cell.length_a_esd                 ? 
_cell.length_b                     33.677 
_cell.length_b_esd                 ? 
_cell.length_c                     76.750 
_cell.length_c_esd                 ? 
_cell.volume                       ? 
_cell.volume_esd                   ? 
_cell.Z_PDB                        16 
_cell.reciprocal_angle_alpha       ? 
_cell.reciprocal_angle_beta        ? 
_cell.reciprocal_angle_gamma       ? 
_cell.reciprocal_angle_alpha_esd   ? 
_cell.reciprocal_angle_beta_esd    ? 
_cell.reciprocal_angle_gamma_esd   ? 
_cell.reciprocal_length_a          ? 
_cell.reciprocal_length_b          ? 
_cell.reciprocal_length_c          ? 
_cell.reciprocal_length_a_esd      ? 
_cell.reciprocal_length_b_esd      ? 
_cell.reciprocal_length_c_esd      ? 
_cell.pdbx_unique_axis             ? 
# 
_symmetry.entry_id                         7BSG 
_symmetry.cell_setting                     ? 
_symmetry.Int_Tables_number                20 
_symmetry.space_group_name_Hall            ? 
_symmetry.space_group_name_H-M             'C 2 2 21' 
_symmetry.pdbx_full_space_group_name_H-M   ? 
# 
loop_
_entity.id 
_entity.type 
_entity.src_method 
_entity.pdbx_description 
_entity.formula_weight 
_entity.pdbx_number_of_molecules 
_entity.pdbx_ec 
_entity.pdbx_mutation 
_entity.pdbx_fragment 
_entity.details 
1 polymer     syn 
;DNA (5'-D(*CP*AP*CP*CP*GP*AP*GP*CP*GP*A)-3')
;
3039.008 2  ? ? ? 'SF file contains Friedel pairs.' 
2 non-polymer syn 'SILVER ION'                                   107.868  18 ? ? ? ?                                 
# 
_entity_poly.entity_id                      1 
_entity_poly.type                           polydeoxyribonucleotide 
_entity_poly.nstd_linkage                   no 
_entity_poly.nstd_monomer                   no 
_entity_poly.pdbx_seq_one_letter_code       '(DC)(DA)(DC)(DC)(DG)(DA)(DG)(DC)(DG)(DA)' 
_entity_poly.pdbx_seq_one_letter_code_can   CACCGAGCGA 
_entity_poly.pdbx_strand_id                 A,B 
_entity_poly.pdbx_target_identifier         ? 
# 
loop_
_entity_poly_seq.entity_id 
_entity_poly_seq.num 
_entity_poly_seq.mon_id 
_entity_poly_seq.hetero 
1 1  DC n 
1 2  DA n 
1 3  DC n 
1 4  DC n 
1 5  DG n 
1 6  DA n 
1 7  DG n 
1 8  DC n 
1 9  DG n 
1 10 DA n 
# 
_pdbx_entity_src_syn.entity_id              1 
_pdbx_entity_src_syn.pdbx_src_id            1 
_pdbx_entity_src_syn.pdbx_alt_source_flag   sample 
_pdbx_entity_src_syn.pdbx_beg_seq_num       1 
_pdbx_entity_src_syn.pdbx_end_seq_num       10 
_pdbx_entity_src_syn.organism_scientific    'synthetic construct' 
_pdbx_entity_src_syn.organism_common_name   ? 
_pdbx_entity_src_syn.ncbi_taxonomy_id       32630 
_pdbx_entity_src_syn.details                ? 
# 
_struct_ref.id                         1 
_struct_ref.db_name                    PDB 
_struct_ref.db_code                    7BSG 
_struct_ref.pdbx_db_accession          7BSG 
_struct_ref.pdbx_db_isoform            ? 
_struct_ref.entity_id                  1 
_struct_ref.pdbx_seq_one_letter_code   ? 
_struct_ref.pdbx_align_begin           1 
# 
loop_
_struct_ref_seq.align_id 
_struct_ref_seq.ref_id 
_struct_ref_seq.pdbx_PDB_id_code 
_struct_ref_seq.pdbx_strand_id 
_struct_ref_seq.seq_align_beg 
_struct_ref_seq.pdbx_seq_align_beg_ins_code 
_struct_ref_seq.seq_align_end 
_struct_ref_seq.pdbx_seq_align_end_ins_code 
_struct_ref_seq.pdbx_db_accession 
_struct_ref_seq.db_align_beg 
_struct_ref_seq.pdbx_db_align_beg_ins_code 
_struct_ref_seq.db_align_end 
_struct_ref_seq.pdbx_db_align_end_ins_code 
_struct_ref_seq.pdbx_auth_seq_align_beg 
_struct_ref_seq.pdbx_auth_seq_align_end 
1 1 7BSG A 1 ? 10 ? 7BSG 1 ? 10 ? 1 10 
2 1 7BSG B 1 ? 10 ? 7BSG 1 ? 10 ? 1 10 
# 
loop_
_chem_comp.id 
_chem_comp.type 
_chem_comp.mon_nstd_flag 
_chem_comp.name 
_chem_comp.pdbx_synonyms 
_chem_comp.formula 
_chem_comp.formula_weight 
AG non-polymer   . 'SILVER ION'                         ? 'Ag 1'            107.868 
DA 'DNA linking' y "2'-DEOXYADENOSINE-5'-MONOPHOSPHATE" ? 'C10 H14 N5 O6 P' 331.222 
DC 'DNA linking' y "2'-DEOXYCYTIDINE-5'-MONOPHOSPHATE"  ? 'C9 H14 N3 O7 P'  307.197 
DG 'DNA linking' y "2'-DEOXYGUANOSINE-5'-MONOPHOSPHATE" ? 'C10 H14 N5 O7 P' 347.221 
# 
_exptl.absorpt_coefficient_mu     ? 
_exptl.absorpt_correction_T_max   ? 
_exptl.absorpt_correction_T_min   ? 
_exptl.absorpt_correction_type    ? 
_exptl.absorpt_process_details    ? 
_exptl.entry_id                   7BSG 
_exptl.crystals_number            1 
_exptl.details                    ? 
_exptl.method                     'X-RAY DIFFRACTION' 
_exptl.method_details             ? 
# 
_exptl_crystal.colour                      ? 
_exptl_crystal.density_diffrn              ? 
_exptl_crystal.density_Matthews            1.59 
_exptl_crystal.density_method              ? 
_exptl_crystal.density_percent_sol         22.57 
_exptl_crystal.description                 ? 
_exptl_crystal.F_000                       ? 
_exptl_crystal.id                          1 
_exptl_crystal.preparation                 ? 
_exptl_crystal.size_max                    ? 
_exptl_crystal.size_mid                    ? 
_exptl_crystal.size_min                    ? 
_exptl_crystal.size_rad                    ? 
_exptl_crystal.colour_lustre               ? 
_exptl_crystal.colour_modifier             ? 
_exptl_crystal.colour_primary              ? 
_exptl_crystal.density_meas                ? 
_exptl_crystal.density_meas_esd            ? 
_exptl_crystal.density_meas_gt             ? 
_exptl_crystal.density_meas_lt             ? 
_exptl_crystal.density_meas_temp           ? 
_exptl_crystal.density_meas_temp_esd       ? 
_exptl_crystal.density_meas_temp_gt        ? 
_exptl_crystal.density_meas_temp_lt        ? 
_exptl_crystal.pdbx_crystal_image_url      ? 
_exptl_crystal.pdbx_crystal_image_format   ? 
_exptl_crystal.pdbx_mosaicity              ? 
_exptl_crystal.pdbx_mosaicity_esd          ? 
# 
_exptl_crystal_grow.apparatus       ? 
_exptl_crystal_grow.atmosphere      ? 
_exptl_crystal_grow.crystal_id      1 
_exptl_crystal_grow.details         ? 
_exptl_crystal_grow.method          'VAPOR DIFFUSION, HANGING DROP' 
_exptl_crystal_grow.method_ref      ? 
_exptl_crystal_grow.pH              ? 
_exptl_crystal_grow.pressure        ? 
_exptl_crystal_grow.pressure_esd    ? 
_exptl_crystal_grow.seeding         ? 
_exptl_crystal_grow.seeding_ref     ? 
_exptl_crystal_grow.temp            296 
_exptl_crystal_grow.temp_details    ? 
_exptl_crystal_grow.temp_esd        ? 
_exptl_crystal_grow.time            ? 
_exptl_crystal_grow.pdbx_details    'MOPS, Spermine, calcium nitrate, PEG' 
_exptl_crystal_grow.pdbx_pH_range   ? 
# 
_diffrn.ambient_environment              ? 
_diffrn.ambient_temp                     100 
_diffrn.ambient_temp_details             ? 
_diffrn.ambient_temp_esd                 ? 
_diffrn.crystal_id                       1 
_diffrn.crystal_support                  ? 
_diffrn.crystal_treatment                ? 
_diffrn.details                          ? 
_diffrn.id                               1 
_diffrn.ambient_pressure                 ? 
_diffrn.ambient_pressure_esd             ? 
_diffrn.ambient_pressure_gt              ? 
_diffrn.ambient_pressure_lt              ? 
_diffrn.ambient_temp_gt                  ? 
_diffrn.ambient_temp_lt                  ? 
_diffrn.pdbx_serial_crystal_experiment   N 
# 
_diffrn_detector.details                      ? 
_diffrn_detector.detector                     PIXEL 
_diffrn_detector.diffrn_id                    1 
_diffrn_detector.type                         'DECTRIS EIGER X 16M' 
_diffrn_detector.area_resol_mean              ? 
_diffrn_detector.dtime                        ? 
_diffrn_detector.pdbx_frames_total            ? 
_diffrn_detector.pdbx_collection_time_total   ? 
_diffrn_detector.pdbx_collection_date         2020-03-04 
_diffrn_detector.pdbx_frequency               ? 
# 
_diffrn_radiation.collimation                      ? 
_diffrn_radiation.diffrn_id                        1 
_diffrn_radiation.filter_edge                      ? 
_diffrn_radiation.inhomogeneity                    ? 
_diffrn_radiation.monochromator                    ? 
_diffrn_radiation.polarisn_norm                    ? 
_diffrn_radiation.polarisn_ratio                   ? 
_diffrn_radiation.probe                            ? 
_diffrn_radiation.type                             ? 
_diffrn_radiation.xray_symbol                      ? 
_diffrn_radiation.wavelength_id                    1 
_diffrn_radiation.pdbx_monochromatic_or_laue_m_l   M 
_diffrn_radiation.pdbx_wavelength_list             ? 
_diffrn_radiation.pdbx_wavelength                  ? 
_diffrn_radiation.pdbx_diffrn_protocol             'SINGLE WAVELENGTH' 
_diffrn_radiation.pdbx_analyzer                    ? 
_diffrn_radiation.pdbx_scattering_type             x-ray 
# 
_diffrn_radiation_wavelength.id           1 
_diffrn_radiation_wavelength.wavelength   0.98 
_diffrn_radiation_wavelength.wt           1.0 
# 
_diffrn_source.current                     ? 
_diffrn_source.details                     ? 
_diffrn_source.diffrn_id                   1 
_diffrn_source.power                       ? 
_diffrn_source.size                        ? 
_diffrn_source.source                      SYNCHROTRON 
_diffrn_source.target                      ? 
_diffrn_source.type                        'PHOTON FACTORY BEAMLINE BL-17A' 
_diffrn_source.voltage                     ? 
_diffrn_source.take-off_angle              ? 
_diffrn_source.pdbx_wavelength_list        0.98 
_diffrn_source.pdbx_wavelength             ? 
_diffrn_source.pdbx_synchrotron_beamline   BL-17A 
_diffrn_source.pdbx_synchrotron_site       'Photon Factory' 
# 
_reflns.B_iso_Wilson_estimate            29.535 
_reflns.entry_id                         7BSG 
_reflns.data_reduction_details           ? 
_reflns.data_reduction_method            ? 
_reflns.d_resolution_high                2.190 
_reflns.d_resolution_low                 22.350 
_reflns.details                          ? 
_reflns.limit_h_max                      ? 
_reflns.limit_h_min                      ? 
_reflns.limit_k_max                      ? 
_reflns.limit_k_min                      ? 
_reflns.limit_l_max                      ? 
_reflns.limit_l_min                      ? 
_reflns.number_all                       ? 
_reflns.number_obs                       3775 
_reflns.observed_criterion               ? 
_reflns.observed_criterion_F_max         ? 
_reflns.observed_criterion_F_min         ? 
_reflns.observed_criterion_I_max         ? 
_reflns.observed_criterion_I_min         ? 
_reflns.observed_criterion_sigma_F       ? 
_reflns.observed_criterion_sigma_I       ? 
_reflns.percent_possible_obs             98.200 
_reflns.R_free_details                   ? 
_reflns.Rmerge_F_all                     ? 
_reflns.Rmerge_F_obs                     ? 
_reflns.Friedel_coverage                 ? 
_reflns.number_gt                        ? 
_reflns.threshold_expression             ? 
_reflns.pdbx_redundancy                  3.147 
_reflns.pdbx_Rmerge_I_obs                0.130 
_reflns.pdbx_Rmerge_I_all                ? 
_reflns.pdbx_Rsym_value                  ? 
_reflns.pdbx_netI_over_av_sigmaI         ? 
_reflns.pdbx_netI_over_sigmaI            5.470 
_reflns.pdbx_res_netI_over_av_sigmaI_2   ? 
_reflns.pdbx_res_netI_over_sigmaI_2      ? 
_reflns.pdbx_chi_squared                 1.085 
_reflns.pdbx_scaling_rejects             75 
_reflns.pdbx_d_res_high_opt              ? 
_reflns.pdbx_d_res_low_opt               ? 
_reflns.pdbx_d_res_opt_method            ? 
_reflns.phase_calculation_details        ? 
_reflns.pdbx_Rrim_I_all                  0.158 
_reflns.pdbx_Rpim_I_all                  ? 
_reflns.pdbx_d_opt                       ? 
_reflns.pdbx_number_measured_all         11879 
_reflns.pdbx_diffrn_id                   1 
_reflns.pdbx_ordinal                     1 
_reflns.pdbx_CC_half                     0.995 
_reflns.pdbx_CC_star                     ? 
_reflns.pdbx_R_split                     ? 
# 
loop_
_reflns_shell.d_res_high 
_reflns_shell.d_res_low 
_reflns_shell.meanI_over_sigI_all 
_reflns_shell.meanI_over_sigI_obs 
_reflns_shell.number_measured_all 
_reflns_shell.number_measured_obs 
_reflns_shell.number_possible 
_reflns_shell.number_unique_all 
_reflns_shell.number_unique_obs 
_reflns_shell.percent_possible_all 
_reflns_shell.percent_possible_obs 
_reflns_shell.Rmerge_F_all 
_reflns_shell.Rmerge_F_obs 
_reflns_shell.Rmerge_I_all 
_reflns_shell.Rmerge_I_obs 
_reflns_shell.meanI_over_sigI_gt 
_reflns_shell.meanI_over_uI_all 
_reflns_shell.meanI_over_uI_gt 
_reflns_shell.number_measured_gt 
_reflns_shell.number_unique_gt 
_reflns_shell.percent_possible_gt 
_reflns_shell.Rmerge_F_gt 
_reflns_shell.Rmerge_I_gt 
_reflns_shell.pdbx_redundancy 
_reflns_shell.pdbx_Rsym_value 
_reflns_shell.pdbx_chi_squared 
_reflns_shell.pdbx_netI_over_sigmaI_all 
_reflns_shell.pdbx_netI_over_sigmaI_obs 
_reflns_shell.pdbx_Rrim_I_all 
_reflns_shell.pdbx_Rpim_I_all 
_reflns_shell.pdbx_rejects 
_reflns_shell.pdbx_ordinal 
_reflns_shell.pdbx_diffrn_id 
_reflns_shell.pdbx_CC_half 
_reflns_shell.pdbx_CC_star 
_reflns_shell.pdbx_R_split 
2.190 2.250  ? 2.550  ? 809 305 ? 300 98.400  ? ? ? ? 0.319 ? ? ? ? ? ? ? ? 2.697 ? ? ? ? 0.402 ? ? 1  1 0.908 ? ? 
2.250 2.310  ? 3.350  ? 715 262 ? 258 98.500  ? ? ? ? 0.275 ? ? ? ? ? ? ? ? 2.771 ? ? ? ? 0.345 ? ? 2  1 0.913 ? ? 
2.310 2.380  ? 3.210  ? 762 273 ? 267 97.800  ? ? ? ? 0.263 ? ? ? ? ? ? ? ? 2.854 ? ? ? ? 0.327 ? ? 3  1 0.951 ? ? 
2.380 2.450  ? 3.780  ? 725 260 ? 255 98.100  ? ? ? ? 0.225 ? ? ? ? ? ? ? ? 2.843 ? ? ? ? 0.277 ? ? 4  1 0.955 ? ? 
2.450 2.530  ? 4.690  ? 727 257 ? 254 98.800  ? ? ? ? 0.202 ? ? ? ? ? ? ? ? 2.862 ? ? ? ? 0.248 ? ? 5  1 0.943 ? ? 
2.530 2.620  ? 4.730  ? 783 234 ? 234 100.000 ? ? ? ? 0.197 ? ? ? ? ? ? ? ? 3.346 ? ? ? ? 0.238 ? ? 6  1 0.969 ? ? 
2.620 2.720  ? 5.270  ? 787 237 ? 236 99.600  ? ? ? ? 0.194 ? ? ? ? ? ? ? ? 3.335 ? ? ? ? 0.233 ? ? 7  1 0.970 ? ? 
2.720 2.830  ? 5.330  ? 838 245 ? 243 99.200  ? ? ? ? 0.210 ? ? ? ? ? ? ? ? 3.449 ? ? ? ? 0.250 ? ? 8  1 0.951 ? ? 
2.830 2.960  ? 4.960  ? 717 208 ? 207 99.500  ? ? ? ? 0.225 ? ? ? ? ? ? ? ? 3.464 ? ? ? ? 0.268 ? ? 9  1 0.952 ? ? 
2.960 3.100  ? 4.640  ? 716 206 ? 204 99.000  ? ? ? ? 0.234 ? ? ? ? ? ? ? ? 3.510 ? ? ? ? 0.278 ? ? 10 1 0.926 ? ? 
3.100 3.270  ? 5.310  ? 660 192 ? 192 100.000 ? ? ? ? 0.184 ? ? ? ? ? ? ? ? 3.438 ? ? ? ? 0.218 ? ? 11 1 0.983 ? ? 
3.270 3.470  ? 6.060  ? 620 184 ? 184 100.000 ? ? ? ? 0.172 ? ? ? ? ? ? ? ? 3.370 ? ? ? ? 0.204 ? ? 12 1 0.966 ? ? 
3.470 3.710  ? 6.720  ? 592 198 ? 180 90.900  ? ? ? ? 0.166 ? ? ? ? ? ? ? ? 3.289 ? ? ? ? 0.198 ? ? 13 1 0.975 ? ? 
3.710 4.010  ? 8.030  ? 436 145 ? 139 95.900  ? ? ? ? 0.146 ? ? ? ? ? ? ? ? 3.137 ? ? ? ? 0.177 ? ? 14 1 0.978 ? ? 
4.010 4.390  ? 6.790  ? 532 161 ? 160 99.400  ? ? ? ? 0.137 ? ? ? ? ? ? ? ? 3.325 ? ? ? ? 0.165 ? ? 15 1 0.987 ? ? 
4.390 4.910  ? 8.140  ? 386 133 ? 128 96.200  ? ? ? ? 0.115 ? ? ? ? ? ? ? ? 3.016 ? ? ? ? 0.142 ? ? 16 1 0.993 ? ? 
4.910 5.670  ? 10.130 ? 411 129 ? 129 100.000 ? ? ? ? 0.096 ? ? ? ? ? ? ? ? 3.186 ? ? ? ? 0.116 ? ? 17 1 0.974 ? ? 
5.670 6.940  ? 11.630 ? 289 91  ? 87  95.600  ? ? ? ? 0.094 ? ? ? ? ? ? ? ? 3.322 ? ? ? ? 0.113 ? ? 18 1 0.981 ? ? 
6.940 9.810  ? 11.810 ? 248 81  ? 78  96.300  ? ? ? ? 0.069 ? ? ? ? ? ? ? ? 3.179 ? ? ? ? 0.083 ? ? 19 1 0.990 ? ? 
9.810 22.350 ? 13.910 ? 126 43  ? 40  93.000  ? ? ? ? 0.061 ? ? ? ? ? ? ? ? 3.150 ? ? ? ? 0.073 ? ? 20 1 0.994 ? ? 
# 
_refine.aniso_B[1][1]                            ? 
_refine.aniso_B[1][2]                            ? 
_refine.aniso_B[1][3]                            ? 
_refine.aniso_B[2][2]                            ? 
_refine.aniso_B[2][3]                            ? 
_refine.aniso_B[3][3]                            ? 
_refine.B_iso_max                                58.080 
_refine.B_iso_mean                               41.7302 
_refine.B_iso_min                                30.530 
_refine.correlation_coeff_Fo_to_Fc               ? 
_refine.correlation_coeff_Fo_to_Fc_free          ? 
_refine.details                                  ? 
_refine.diff_density_max                         ? 
_refine.diff_density_max_esd                     ? 
_refine.diff_density_min                         ? 
_refine.diff_density_min_esd                     ? 
_refine.diff_density_rms                         ? 
_refine.diff_density_rms_esd                     ? 
_refine.entry_id                                 7BSG 
_refine.pdbx_refine_id                           'X-RAY DIFFRACTION' 
_refine.ls_abs_structure_details                 ? 
_refine.ls_abs_structure_Flack                   ? 
_refine.ls_abs_structure_Flack_esd               ? 
_refine.ls_abs_structure_Rogers                  ? 
_refine.ls_abs_structure_Rogers_esd              ? 
_refine.ls_d_res_high                            2.1900 
_refine.ls_d_res_low                             22.3500 
_refine.ls_extinction_coef                       ? 
_refine.ls_extinction_coef_esd                   ? 
_refine.ls_extinction_expression                 ? 
_refine.ls_extinction_method                     ? 
_refine.ls_goodness_of_fit_all                   ? 
_refine.ls_goodness_of_fit_all_esd               ? 
_refine.ls_goodness_of_fit_obs                   ? 
_refine.ls_goodness_of_fit_obs_esd               ? 
_refine.ls_hydrogen_treatment                    ? 
_refine.ls_matrix_type                           ? 
_refine.ls_number_constraints                    ? 
_refine.ls_number_parameters                     ? 
_refine.ls_number_reflns_all                     ? 
_refine.ls_number_reflns_obs                     3775 
_refine.ls_number_reflns_R_free                  365 
_refine.ls_number_reflns_R_work                  ? 
_refine.ls_number_restraints                     ? 
_refine.ls_percent_reflns_obs                    98.2300 
_refine.ls_percent_reflns_R_free                 9.6700 
_refine.ls_R_factor_all                          ? 
_refine.ls_R_factor_obs                          0.2116 
_refine.ls_R_factor_R_free                       0.2466 
_refine.ls_R_factor_R_free_error                 ? 
_refine.ls_R_factor_R_free_error_details         ? 
_refine.ls_R_factor_R_work                       0.2079 
_refine.ls_R_Fsqd_factor_obs                     ? 
_refine.ls_R_I_factor_obs                        ? 
_refine.ls_redundancy_reflns_all                 ? 
_refine.ls_redundancy_reflns_obs                 ? 
_refine.ls_restrained_S_all                      ? 
_refine.ls_restrained_S_obs                      ? 
_refine.ls_shift_over_esd_max                    ? 
_refine.ls_shift_over_esd_mean                   ? 
_refine.ls_structure_factor_coef                 ? 
_refine.ls_weighting_details                     ? 
_refine.ls_weighting_scheme                      ? 
_refine.ls_wR_factor_all                         ? 
_refine.ls_wR_factor_obs                         ? 
_refine.ls_wR_factor_R_free                      ? 
_refine.ls_wR_factor_R_work                      ? 
_refine.occupancy_max                            ? 
_refine.occupancy_min                            ? 
_refine.solvent_model_details                    ? 
_refine.solvent_model_param_bsol                 ? 
_refine.solvent_model_param_ksol                 ? 
_refine.pdbx_R_complete                          ? 
_refine.ls_R_factor_gt                           ? 
_refine.ls_goodness_of_fit_gt                    ? 
_refine.ls_goodness_of_fit_ref                   ? 
_refine.ls_shift_over_su_max                     ? 
_refine.ls_shift_over_su_max_lt                  ? 
_refine.ls_shift_over_su_mean                    ? 
_refine.ls_shift_over_su_mean_lt                 ? 
_refine.pdbx_ls_sigma_I                          ? 
_refine.pdbx_ls_sigma_F                          1.360 
_refine.pdbx_ls_sigma_Fsqd                       ? 
_refine.pdbx_data_cutoff_high_absF               ? 
_refine.pdbx_data_cutoff_high_rms_absF           ? 
_refine.pdbx_data_cutoff_low_absF                ? 
_refine.pdbx_isotropic_thermal_model             ? 
_refine.pdbx_ls_cross_valid_method               THROUGHOUT 
_refine.pdbx_method_to_determine_struct          'MOLECULAR REPLACEMENT' 
_refine.pdbx_starting_model                      6JR4 
_refine.pdbx_stereochemistry_target_values       ? 
_refine.pdbx_R_Free_selection_details            ? 
_refine.pdbx_stereochem_target_val_spec_case     ? 
_refine.pdbx_overall_ESU_R                       ? 
_refine.pdbx_overall_ESU_R_Free                  ? 
_refine.pdbx_solvent_vdw_probe_radii             1.1100 
_refine.pdbx_solvent_ion_probe_radii             ? 
_refine.pdbx_solvent_shrinkage_radii             0.9000 
_refine.pdbx_real_space_R                        ? 
_refine.pdbx_density_correlation                 ? 
_refine.pdbx_pd_number_of_powder_patterns        ? 
_refine.pdbx_pd_number_of_points                 ? 
_refine.pdbx_pd_meas_number_of_points            ? 
_refine.pdbx_pd_proc_ls_prof_R_factor            ? 
_refine.pdbx_pd_proc_ls_prof_wR_factor           ? 
_refine.pdbx_pd_Marquardt_correlation_coeff      ? 
_refine.pdbx_pd_Fsqrd_R_factor                   ? 
_refine.pdbx_pd_ls_matrix_band_width             ? 
_refine.pdbx_overall_phase_error                 28.0200 
_refine.pdbx_overall_SU_R_free_Cruickshank_DPI   ? 
_refine.pdbx_overall_SU_R_free_Blow_DPI          ? 
_refine.pdbx_overall_SU_R_Blow_DPI               ? 
_refine.pdbx_TLS_residual_ADP_flag               ? 
_refine.pdbx_diffrn_id                           1 
_refine.overall_SU_B                             ? 
_refine.overall_SU_ML                            0.1700 
_refine.overall_SU_R_Cruickshank_DPI             ? 
_refine.overall_SU_R_free                        ? 
_refine.overall_FOM_free_R_set                   ? 
_refine.overall_FOM_work_R_set                   ? 
_refine.pdbx_average_fsc_overall                 ? 
_refine.pdbx_average_fsc_work                    ? 
_refine.pdbx_average_fsc_free                    ? 
# 
_refine_hist.pdbx_refine_id                   'X-RAY DIFFRACTION' 
_refine_hist.cycle_id                         final 
_refine_hist.details                          ? 
_refine_hist.d_res_high                       2.1900 
_refine_hist.d_res_low                        22.3500 
_refine_hist.number_atoms_solvent             0 
_refine_hist.number_atoms_total               422 
_refine_hist.number_reflns_all                ? 
_refine_hist.number_reflns_obs                ? 
_refine_hist.number_reflns_R_free             ? 
_refine_hist.number_reflns_R_work             ? 
_refine_hist.R_factor_all                     ? 
_refine_hist.R_factor_obs                     ? 
_refine_hist.R_factor_R_free                  ? 
_refine_hist.R_factor_R_work                  ? 
_refine_hist.pdbx_number_residues_total       20 
_refine_hist.pdbx_B_iso_mean_ligand           35.75 
_refine_hist.pdbx_B_iso_mean_solvent          ? 
_refine_hist.pdbx_number_atoms_protein        0 
_refine_hist.pdbx_number_atoms_nucleic_acid   404 
_refine_hist.pdbx_number_atoms_ligand         18 
_refine_hist.pdbx_number_atoms_lipid          ? 
_refine_hist.pdbx_number_atoms_carb           ? 
_refine_hist.pdbx_pseudo_atom_details         ? 
# 
loop_
_refine_ls_shell.pdbx_refine_id 
_refine_ls_shell.d_res_high 
_refine_ls_shell.d_res_low 
_refine_ls_shell.number_reflns_all 
_refine_ls_shell.number_reflns_obs 
_refine_ls_shell.number_reflns_R_free 
_refine_ls_shell.number_reflns_R_work 
_refine_ls_shell.percent_reflns_obs 
_refine_ls_shell.percent_reflns_R_free 
_refine_ls_shell.R_factor_all 
_refine_ls_shell.R_factor_obs 
_refine_ls_shell.R_factor_R_free 
_refine_ls_shell.R_factor_R_free_error 
_refine_ls_shell.R_factor_R_work 
_refine_ls_shell.redundancy_reflns_all 
_refine_ls_shell.redundancy_reflns_obs 
_refine_ls_shell.wR_factor_all 
_refine_ls_shell.wR_factor_obs 
_refine_ls_shell.wR_factor_R_free 
_refine_ls_shell.wR_factor_R_work 
_refine_ls_shell.pdbx_R_complete 
_refine_ls_shell.pdbx_total_number_of_bins_used 
_refine_ls_shell.pdbx_phase_error 
_refine_ls_shell.pdbx_fsc_work 
_refine_ls_shell.pdbx_fsc_free 
'X-RAY DIFFRACTION' 2.1900 2.5100  1284 . 120 1164 98.0000 . . . 0.2319 0.0000 0.1991 . . . . . . . 3 . . . 
'X-RAY DIFFRACTION' 2.5100 3.1600  1239 . 120 1119 99.0000 . . . 0.2243 0.0000 0.2178 . . . . . . . 3 . . . 
'X-RAY DIFFRACTION' 3.1600 22.3500 1252 . 125 1127 97.0000 . . . 0.2668 0.0000 0.2066 . . . . . . . 3 . . . 
# 
_struct.entry_id                     7BSG 
_struct.title                        'Crystal structure of a NIR-emitting DNA-stabilized Ag16 nanocluster (T5G mutant)' 
_struct.pdbx_model_details           ? 
_struct.pdbx_formula_weight          ? 
_struct.pdbx_formula_weight_method   ? 
_struct.pdbx_model_type_details      ? 
_struct.pdbx_CASP_flag               N 
# 
_struct_keywords.entry_id        7BSG 
_struct_keywords.text            'Nanocluster, Silver, DNA' 
_struct_keywords.pdbx_keywords   DNA 
# 
loop_
_struct_asym.id 
_struct_asym.pdbx_blank_PDB_chainid_flag 
_struct_asym.pdbx_modified 
_struct_asym.entity_id 
_struct_asym.details 
A N N 1 ? 
B N N 1 ? 
C N N 2 ? 
D N N 2 ? 
E N N 2 ? 
F N N 2 ? 
G N N 2 ? 
H N N 2 ? 
I N N 2 ? 
J N N 2 ? 
K N N 2 ? 
L N N 2 ? 
M N N 2 ? 
N N N 2 ? 
O N N 2 ? 
P N N 2 ? 
Q N N 2 ? 
R N N 2 ? 
S N N 2 ? 
T N N 2 ? 
# 
loop_
_struct_conn.id 
_struct_conn.conn_type_id 
_struct_conn.pdbx_leaving_atom_flag 
_struct_conn.pdbx_PDB_id 
_struct_conn.ptnr1_label_asym_id 
_struct_conn.ptnr1_label_comp_id 
_struct_conn.ptnr1_label_seq_id 
_struct_conn.ptnr1_label_atom_id 
_struct_conn.pdbx_ptnr1_label_alt_id 
_struct_conn.pdbx_ptnr1_PDB_ins_code 
_struct_conn.pdbx_ptnr1_standard_comp_id 
_struct_conn.ptnr1_symmetry 
_struct_conn.ptnr2_label_asym_id 
_struct_conn.ptnr2_label_comp_id 
_struct_conn.ptnr2_label_seq_id 
_struct_conn.ptnr2_label_atom_id 
_struct_conn.pdbx_ptnr2_label_alt_id 
_struct_conn.pdbx_ptnr2_PDB_ins_code 
_struct_conn.ptnr1_auth_asym_id 
_struct_conn.ptnr1_auth_comp_id 
_struct_conn.ptnr1_auth_seq_id 
_struct_conn.ptnr2_auth_asym_id 
_struct_conn.ptnr2_auth_comp_id 
_struct_conn.ptnr2_auth_seq_id 
_struct_conn.ptnr2_symmetry 
_struct_conn.pdbx_ptnr3_label_atom_id 
_struct_conn.pdbx_ptnr3_label_seq_id 
_struct_conn.pdbx_ptnr3_label_comp_id 
_struct_conn.pdbx_ptnr3_label_asym_id 
_struct_conn.pdbx_ptnr3_label_alt_id 
_struct_conn.pdbx_ptnr3_PDB_ins_code 
_struct_conn.details 
_struct_conn.pdbx_dist_value 
_struct_conn.pdbx_value_order 
_struct_conn.pdbx_role 
metalc1  metalc ? ? A DC 1 O2  ? ? ? 1_555 C AG . AG  ? ? A DC 1   A AG 101 1_555 ? ? ? ? ? ? ?               2.505 ? ? 
metalc2  metalc ? ? A DC 1 N3  ? ? ? 1_555 G AG . AG  ? ? A DC 1   A AG 105 1_555 ? ? ? ? ? ? ?               2.542 ? ? 
metalc3  metalc ? ? A DA 2 N1  ? ? ? 1_555 L AG . AG  ? ? A DA 2   A AG 110 1_555 ? ? ? ? ? ? ?               2.530 ? ? 
metalc4  metalc ? ? A DC 3 N3  ? ? ? 1_555 C AG . AG  ? ? A DC 3   A AG 101 1_555 ? ? ? ? ? ? ?               2.209 ? ? 
metalc5  metalc ? ? A DC 3 O2  ? ? ? 1_555 M AG . AG  ? ? A DC 3   A AG 111 1_555 ? ? ? ? ? ? ?               2.542 ? ? 
metalc6  metalc ? ? A DC 4 N3  ? ? ? 1_555 D AG . AG  ? ? A DC 4   A AG 102 1_555 ? ? ? ? ? ? ?               2.217 ? ? 
metalc7  metalc ? ? A DC 4 O2  ? ? ? 1_555 M AG . AG  ? ? A DC 4   A AG 111 1_555 ? ? ? ? ? ? ?               2.364 ? ? 
metalc8  metalc ? ? A DC 4 O2  ? ? ? 1_555 N AG . AG  ? ? A DC 4   A AG 112 1_555 ? ? ? ? ? ? ?               2.644 ? ? 
metalc9  metalc ? ? A DA 6 OP1 ? ? ? 1_555 F AG . AG  ? ? A DA 6   A AG 104 1_555 ? ? ? ? ? ? ?               2.622 ? ? 
metalc10 metalc ? ? A DA 6 N7  ? ? ? 1_555 J AG . AG  ? ? A DA 6   A AG 108 1_555 ? ? ? ? ? ? ?               2.274 ? ? 
metalc11 metalc ? ? A DA 6 OP2 ? ? ? 1_555 O AG . AG  ? ? A DA 6   A AG 113 1_555 ? ? ? ? ? ? ?               2.211 ? ? 
metalc12 metalc ? ? A DG 7 N7  ? ? ? 1_555 F AG . AG  ? ? A DG 7   A AG 104 1_555 ? ? ? ? ? ? ?               2.512 ? ? 
metalc13 metalc ? ? A DG 7 O6  ? ? ? 1_555 I AG . AG  ? ? A DG 7   A AG 107 1_555 ? ? ? ? ? ? ?               2.418 ? ? 
metalc14 metalc ? ? A DG 7 O6  ? ? ? 1_555 J AG . AG  ? ? A DG 7   A AG 108 1_555 ? ? ? ? ? ? ?               2.314 ? ? 
metalc15 metalc ? ? A DC 8 N3  ? ? ? 1_555 E AG . AG  ? ? A DC 8   A AG 103 1_555 ? ? ? ? ? ? ?               2.393 ? ? 
metalc16 metalc ? ? A DC 8 O2  ? ? ? 1_555 I AG . AG  ? ? A DC 8   A AG 107 1_555 ? ? ? ? ? ? ?               2.639 ? ? 
metalc17 metalc ? ? A DG 9 O6  ? ? ? 1_555 D AG . AG  ? ? A DG 9   A AG 102 1_555 ? ? ? ? ? ? ?               2.349 ? ? 
metalc18 metalc ? ? A DG 9 N1  ? ? ? 1_555 H AG . AG  ? ? A DG 9   A AG 106 1_555 ? ? ? ? ? ? ?               2.335 ? ? 
metalc19 metalc ? ? G AG . AG  ? ? ? 1_555 B DC 3 O2  ? ? A AG 105 B DC 3   1_555 ? ? ? ? ? ? ?               2.548 ? ? 
metalc20 metalc ? ? G AG . AG  ? ? ? 1_555 B DC 4 O2  ? ? A AG 105 B DC 4   1_555 ? ? ? ? ? ? ?               2.499 ? ? 
metalc21 metalc ? ? H AG . AG  ? ? ? 1_555 B DC 4 O2  ? ? A AG 106 B DC 4   1_555 ? ? ? ? ? ? ?               2.360 ? ? 
metalc22 metalc ? ? J AG . AG  ? ? ? 1_555 B DA 6 OP2 ? ? A AG 108 B DA 6   1_555 ? ? ? ? ? ? ?               2.378 ? ? 
metalc23 metalc ? ? L AG . AG  ? ? ? 1_555 B DC 1 O2  ? ? A AG 110 B DC 1   1_555 ? ? ? ? ? ? ?               2.489 ? ? 
metalc24 metalc ? ? L AG . AG  ? ? ? 1_555 B DC 3 O2  ? ? A AG 110 B DC 3   1_555 ? ? ? ? ? ? ?               2.593 ? ? 
metalc25 metalc ? ? L AG . AG  ? ? ? 1_555 B DC 3 N3  ? ? A AG 110 B DC 3   1_555 ? ? ? ? ? ? ?               2.241 ? ? 
metalc26 metalc ? ? M AG . AG  ? ? ? 1_555 B DC 1 N3  ? ? A AG 111 B DC 1   1_555 ? ? ? ? ? ? ?               2.405 ? ? 
metalc27 metalc ? ? N AG . AG  ? ? ? 1_555 B DG 9 N1  ? ? A AG 112 B DG 9   1_555 ? ? ? ? ? ? ?               2.494 ? ? 
metalc28 metalc ? ? O AG . AG  ? ? ? 1_555 B DG 7 O6  ? ? A AG 113 B DG 7   1_555 ? ? ? ? ? ? ?               2.564 ? ? 
metalc29 metalc ? ? B DC 4 N3  ? ? ? 1_555 P AG . AG  ? ? B DC 4   B AG 101 1_555 ? ? ? ? ? ? ?               2.327 ? ? 
metalc30 metalc ? ? B DA 6 OP1 ? ? ? 1_555 R AG . AG  ? ? B DA 6   B AG 103 1_555 ? ? ? ? ? ? ?               2.488 ? ? 
metalc31 metalc ? ? B DG 7 N7  ? ? ? 1_555 R AG . AG  ? ? B DG 7   B AG 103 1_555 ? ? ? ? ? ? ?               2.564 ? ? 
metalc32 metalc ? ? B DC 8 N3  ? ? ? 1_555 Q AG . AG  ? ? B DC 8   B AG 102 1_555 ? ? ? ? ? ? ?               2.335 ? ? 
metalc33 metalc ? ? B DC 8 O2  ? ? ? 1_555 S AG . AG  ? ? B DC 8   B AG 104 1_555 ? ? ? ? ? ? ?               2.519 ? ? 
metalc34 metalc ? ? B DG 9 O6  ? ? ? 1_555 P AG . AG  ? ? B DG 9   B AG 101 1_555 ? ? ? ? ? ? ?               2.381 ? ? 
hydrog1  hydrog ? ? A DC 1 O2  ? ? ? 1_555 A DC 3 N4  ? ? A DC 1   A DC 3   1_555 ? ? ? ? ? ? 'DC-DC MISPAIR' ?     ? ? 
hydrog2  hydrog ? ? A DC 1 N4  ? ? ? 1_555 B DC 3 O2  ? ? A DC 1   B DC 3   1_555 ? ? ? ? ? ? 'DC-DC MISPAIR' ?     ? ? 
hydrog3  hydrog ? ? A DC 1 N4  ? ? ? 1_555 B DC 4 O2  ? ? A DC 1   B DC 4   1_555 ? ? ? ? ? ? 'DC-DC MISPAIR' ?     ? ? 
hydrog4  hydrog ? ? A DA 2 N6  ? ? ? 1_555 B DC 3 O2  ? ? A DA 2   B DC 3   1_555 ? ? ? ? ? ? 'DA-DC MISPAIR' ?     ? ? 
hydrog5  hydrog ? ? A DC 3 O2  ? ? ? 1_555 B DC 1 N4  ? ? A DC 3   B DC 1   1_555 ? ? ? ? ? ? 'DC-DC MISPAIR' ?     ? ? 
hydrog6  hydrog ? ? A DC 4 N4  ? ? ? 1_555 A DG 9 O6  ? ? A DC 4   A DG 9   1_555 ? ? ? ? ? ? 'DC-DG PAIR'    ?     ? ? 
hydrog7  hydrog ? ? A DC 4 O2  ? ? ? 1_555 B DC 1 N4  ? ? A DC 4   B DC 1   1_555 ? ? ? ? ? ? 'DC-DC MISPAIR' ?     ? ? 
hydrog8  hydrog ? ? A DC 4 O2  ? ? ? 1_555 B DG 9 N1  ? ? A DC 4   B DG 9   1_555 ? ? ? ? ? ? 'DC-DG PAIR'    ?     ? ? 
hydrog9  hydrog ? ? A DA 6 N1  ? ? ? 1_555 B DG 5 N2  ? ? A DA 6   B DG 5   1_555 ? ? ? ? ? ? TYPE_10_PAIR    ?     ? ? 
hydrog10 hydrog ? ? A DA 6 N6  ? ? ? 1_555 B DG 5 N3  ? ? A DA 6   B DG 5   1_555 ? ? ? ? ? ? TYPE_10_PAIR    ?     ? ? 
hydrog11 hydrog ? ? A DG 7 N1  ? ? ? 1_555 B DG 5 N3  ? ? A DG 7   B DG 5   1_555 ? ? ? ? ? ? 'DG-DG MISPAIR' ?     ? ? 
hydrog12 hydrog ? ? A DG 9 N2  ? ? ? 1_555 B DC 4 O2  ? ? A DG 9   B DC 4   1_555 ? ? ? ? ? ? 'DG-DC PAIR'    ?     ? ? 
hydrog13 hydrog ? ? B DC 1 O2  ? ? ? 1_555 B DC 3 N4  ? ? B DC 1   B DC 3   1_555 ? ? ? ? ? ? 'DC-DC MISPAIR' ?     ? ? 
hydrog14 hydrog ? ? B DC 4 N4  ? ? ? 1_555 B DG 9 O6  ? ? B DC 4   B DG 9   1_555 ? ? ? ? ? ? 'DC-DG PAIR'    ?     ? ? 
# 
loop_
_struct_conn_type.id 
_struct_conn_type.criteria 
_struct_conn_type.reference 
metalc ? ? 
hydrog ? ? 
# 
loop_
_struct_site.id 
_struct_site.pdbx_evidence_code 
_struct_site.pdbx_auth_asym_id 
_struct_site.pdbx_auth_comp_id 
_struct_site.pdbx_auth_seq_id 
_struct_site.pdbx_auth_ins_code 
_struct_site.pdbx_num_residues 
_struct_site.details 
AC1 Software A AG 101 ? 8  'binding site for residue AG A 101' 
AC2 Software A AG 102 ? 9  'binding site for residue AG A 102' 
AC3 Software A AG 103 ? 10 'binding site for residue AG A 103' 
AC4 Software A AG 104 ? 9  'binding site for residue AG A 104' 
AC5 Software A AG 105 ? 9  'binding site for residue AG A 105' 
AC6 Software A AG 106 ? 10 'binding site for residue AG A 106' 
AC7 Software A AG 107 ? 11 'binding site for residue AG A 107' 
AC8 Software A AG 108 ? 7  'binding site for residue AG A 108' 
AC9 Software A AG 109 ? 8  'binding site for residue AG A 109' 
AD1 Software A AG 110 ? 8  'binding site for residue AG A 110' 
AD2 Software A AG 111 ? 9  'binding site for residue AG A 111' 
AD3 Software A AG 112 ? 10 'binding site for residue AG A 112' 
AD4 Software A AG 113 ? 7  'binding site for residue AG A 113' 
AD5 Software B AG 101 ? 9  'binding site for residue AG B 101' 
AD6 Software B AG 102 ? 10 'binding site for residue AG B 102' 
AD7 Software B AG 103 ? 10 'binding site for residue AG B 103' 
AD8 Software B AG 104 ? 10 'binding site for residue AG B 104' 
AD9 Software B AG 105 ? 9  'binding site for residue AG B 105' 
# 
loop_
_struct_site_gen.id 
_struct_site_gen.site_id 
_struct_site_gen.pdbx_num_res 
_struct_site_gen.label_comp_id 
_struct_site_gen.label_asym_id 
_struct_site_gen.label_seq_id 
_struct_site_gen.pdbx_auth_ins_code 
_struct_site_gen.auth_comp_id 
_struct_site_gen.auth_asym_id 
_struct_site_gen.auth_seq_id 
_struct_site_gen.label_atom_id 
_struct_site_gen.label_alt_id 
_struct_site_gen.symmetry 
_struct_site_gen.details 
1   AC1 8  DC A 1 ? DC A 1   . ? 1_555 ? 
2   AC1 8  DA A 2 ? DA A 2   . ? 1_555 ? 
3   AC1 8  DC A 3 ? DC A 3   . ? 1_555 ? 
4   AC1 8  DG A 9 ? DG A 9   . ? 1_555 ? 
5   AC1 8  AG D . ? AG A 102 . ? 1_555 ? 
6   AC1 8  AG G . ? AG A 105 . ? 1_555 ? 
7   AC1 8  AG L . ? AG A 110 . ? 1_555 ? 
8   AC1 8  AG M . ? AG A 111 . ? 1_555 ? 
9   AC2 9  DC A 4 ? DC A 4   . ? 1_555 ? 
10  AC2 9  DG A 9 ? DG A 9   . ? 1_555 ? 
11  AC2 9  AG C . ? AG A 101 . ? 1_555 ? 
12  AC2 9  AG E . ? AG A 103 . ? 1_555 ? 
13  AC2 9  AG G . ? AG A 105 . ? 1_555 ? 
14  AC2 9  AG H . ? AG A 106 . ? 1_555 ? 
15  AC2 9  AG M . ? AG A 111 . ? 1_555 ? 
16  AC2 9  AG N . ? AG A 112 . ? 1_555 ? 
17  AC2 9  AG P . ? AG B 101 . ? 1_555 ? 
18  AC3 10 DC A 4 ? DC A 4   . ? 1_555 ? 
19  AC3 10 DC A 8 ? DC A 8   . ? 1_555 ? 
20  AC3 10 AG D . ? AG A 102 . ? 1_555 ? 
21  AC3 10 AG F . ? AG A 104 . ? 1_555 ? 
22  AC3 10 AG H . ? AG A 106 . ? 1_555 ? 
23  AC3 10 AG I . ? AG A 107 . ? 1_555 ? 
24  AC3 10 AG K . ? AG A 109 . ? 1_555 ? 
25  AC3 10 AG N . ? AG A 112 . ? 1_555 ? 
26  AC3 10 AG Q . ? AG B 102 . ? 1_555 ? 
27  AC3 10 AG S . ? AG B 104 . ? 1_555 ? 
28  AC4 9  DA A 6 ? DA A 6   . ? 1_555 ? 
29  AC4 9  DG A 7 ? DG A 7   . ? 1_555 ? 
30  AC4 9  DC A 8 ? DC A 8   . ? 1_555 ? 
31  AC4 9  AG E . ? AG A 103 . ? 1_555 ? 
32  AC4 9  AG I . ? AG A 107 . ? 1_555 ? 
33  AC4 9  AG J . ? AG A 108 . ? 1_555 ? 
34  AC4 9  AG O . ? AG A 113 . ? 1_555 ? 
35  AC4 9  AG R . ? AG B 103 . ? 1_555 ? 
36  AC4 9  AG S . ? AG B 104 . ? 1_555 ? 
37  AC5 9  DC A 1 ? DC A 1   . ? 1_555 ? 
38  AC5 9  DG A 9 ? DG A 9   . ? 1_555 ? 
39  AC5 9  AG C . ? AG A 101 . ? 1_555 ? 
40  AC5 9  AG D . ? AG A 102 . ? 1_555 ? 
41  AC5 9  AG H . ? AG A 106 . ? 1_555 ? 
42  AC5 9  AG L . ? AG A 110 . ? 1_555 ? 
43  AC5 9  DC B 3 ? DC B 3   . ? 1_555 ? 
44  AC5 9  DC B 4 ? DC B 4   . ? 1_555 ? 
45  AC5 9  AG P . ? AG B 101 . ? 1_555 ? 
46  AC6 10 DC A 8 ? DC A 8   . ? 1_555 ? 
47  AC6 10 DG A 9 ? DG A 9   . ? 1_555 ? 
48  AC6 10 AG D . ? AG A 102 . ? 1_555 ? 
49  AC6 10 AG E . ? AG A 103 . ? 1_555 ? 
50  AC6 10 AG G . ? AG A 105 . ? 1_555 ? 
51  AC6 10 AG I . ? AG A 107 . ? 1_555 ? 
52  AC6 10 DC B 4 ? DC B 4   . ? 1_555 ? 
53  AC6 10 AG P . ? AG B 101 . ? 1_555 ? 
54  AC6 10 AG Q . ? AG B 102 . ? 1_555 ? 
55  AC6 10 AG T . ? AG B 105 . ? 1_555 ? 
56  AC7 11 DG A 7 ? DG A 7   . ? 1_555 ? 
57  AC7 11 DC A 8 ? DC A 8   . ? 1_555 ? 
58  AC7 11 AG E . ? AG A 103 . ? 1_555 ? 
59  AC7 11 AG F . ? AG A 104 . ? 1_555 ? 
60  AC7 11 AG H . ? AG A 106 . ? 1_555 ? 
61  AC7 11 AG J . ? AG A 108 . ? 1_555 ? 
62  AC7 11 DA B 6 ? DA B 6   . ? 1_555 ? 
63  AC7 11 AG Q . ? AG B 102 . ? 1_555 ? 
64  AC7 11 AG R . ? AG B 103 . ? 1_555 ? 
65  AC7 11 AG S . ? AG B 104 . ? 1_555 ? 
66  AC7 11 AG T . ? AG B 105 . ? 1_555 ? 
67  AC8 7  DA A 6 ? DA A 6   . ? 1_555 ? 
68  AC8 7  DG A 7 ? DG A 7   . ? 1_555 ? 
69  AC8 7  AG F . ? AG A 104 . ? 1_555 ? 
70  AC8 7  AG I . ? AG A 107 . ? 1_555 ? 
71  AC8 7  AG O . ? AG A 113 . ? 1_555 ? 
72  AC8 7  DA B 6 ? DA B 6   . ? 1_555 ? 
73  AC8 7  AG R . ? AG B 103 . ? 1_555 ? 
74  AC9 8  DC A 4 ? DC A 4   . ? 1_555 ? 
75  AC9 8  DG A 5 ? DG A 5   . ? 1_555 ? 
76  AC9 8  DA A 6 ? DA A 6   . ? 1_555 ? 
77  AC9 8  DC A 8 ? DC A 8   . ? 1_555 ? 
78  AC9 8  AG E . ? AG A 103 . ? 1_555 ? 
79  AC9 8  AG N . ? AG A 112 . ? 1_555 ? 
80  AC9 8  DG B 9 ? DG B 9   . ? 1_555 ? 
81  AC9 8  AG S . ? AG B 104 . ? 1_555 ? 
82  AD1 8  DA A 2 ? DA A 2   . ? 1_555 ? 
83  AD1 8  AG C . ? AG A 101 . ? 1_555 ? 
84  AD1 8  AG G . ? AG A 105 . ? 1_555 ? 
85  AD1 8  AG M . ? AG A 111 . ? 1_555 ? 
86  AD1 8  DC B 1 ? DC B 1   . ? 1_555 ? 
87  AD1 8  DC B 3 ? DC B 3   . ? 1_555 ? 
88  AD1 8  DG B 9 ? DG B 9   . ? 1_555 ? 
89  AD1 8  AG P . ? AG B 101 . ? 1_555 ? 
90  AD2 9  DC A 3 ? DC A 3   . ? 1_555 ? 
91  AD2 9  DC A 4 ? DC A 4   . ? 1_555 ? 
92  AD2 9  AG C . ? AG A 101 . ? 1_555 ? 
93  AD2 9  AG D . ? AG A 102 . ? 1_555 ? 
94  AD2 9  AG L . ? AG A 110 . ? 1_555 ? 
95  AD2 9  AG N . ? AG A 112 . ? 1_555 ? 
96  AD2 9  DC B 1 ? DC B 1   . ? 1_555 ? 
97  AD2 9  DG B 9 ? DG B 9   . ? 1_555 ? 
98  AD2 9  AG P . ? AG B 101 . ? 1_555 ? 
99  AD3 10 DC A 4 ? DC A 4   . ? 1_555 ? 
100 AD3 10 AG D . ? AG A 102 . ? 1_555 ? 
101 AD3 10 AG E . ? AG A 103 . ? 1_555 ? 
102 AD3 10 AG K . ? AG A 109 . ? 1_555 ? 
103 AD3 10 AG M . ? AG A 111 . ? 1_555 ? 
104 AD3 10 DC B 8 ? DC B 8   . ? 1_555 ? 
105 AD3 10 DG B 9 ? DG B 9   . ? 1_555 ? 
106 AD3 10 AG P . ? AG B 101 . ? 1_555 ? 
107 AD3 10 AG Q . ? AG B 102 . ? 1_555 ? 
108 AD3 10 AG S . ? AG B 104 . ? 1_555 ? 
109 AD4 7  DA A 6 ? DA A 6   . ? 1_555 ? 
110 AD4 7  AG F . ? AG A 104 . ? 1_555 ? 
111 AD4 7  AG J . ? AG A 108 . ? 1_555 ? 
112 AD4 7  DA B 6 ? DA B 6   . ? 1_555 ? 
113 AD4 7  DG B 7 ? DG B 7   . ? 1_555 ? 
114 AD4 7  AG R . ? AG B 103 . ? 1_555 ? 
115 AD4 7  AG S . ? AG B 104 . ? 1_555 ? 
116 AD5 9  AG D . ? AG A 102 . ? 1_555 ? 
117 AD5 9  AG G . ? AG A 105 . ? 1_555 ? 
118 AD5 9  AG H . ? AG A 106 . ? 1_555 ? 
119 AD5 9  AG L . ? AG A 110 . ? 1_555 ? 
120 AD5 9  AG M . ? AG A 111 . ? 1_555 ? 
121 AD5 9  AG N . ? AG A 112 . ? 1_555 ? 
122 AD5 9  DC B 4 ? DC B 4   . ? 1_555 ? 
123 AD5 9  DG B 9 ? DG B 9   . ? 1_555 ? 
124 AD5 9  AG Q . ? AG B 102 . ? 1_555 ? 
125 AD6 10 AG E . ? AG A 103 . ? 1_555 ? 
126 AD6 10 AG H . ? AG A 106 . ? 1_555 ? 
127 AD6 10 AG I . ? AG A 107 . ? 1_555 ? 
128 AD6 10 AG N . ? AG A 112 . ? 1_555 ? 
129 AD6 10 DC B 4 ? DC B 4   . ? 1_555 ? 
130 AD6 10 DC B 8 ? DC B 8   . ? 1_555 ? 
131 AD6 10 AG P . ? AG B 101 . ? 1_555 ? 
132 AD6 10 AG R . ? AG B 103 . ? 1_555 ? 
133 AD6 10 AG S . ? AG B 104 . ? 1_555 ? 
134 AD6 10 AG T . ? AG B 105 . ? 1_555 ? 
135 AD7 10 AG F . ? AG A 104 . ? 1_555 ? 
136 AD7 10 AG I . ? AG A 107 . ? 1_555 ? 
137 AD7 10 AG J . ? AG A 108 . ? 1_555 ? 
138 AD7 10 AG O . ? AG A 113 . ? 1_555 ? 
139 AD7 10 DA B 6 ? DA B 6   . ? 1_555 ? 
140 AD7 10 DG B 7 ? DG B 7   . ? 1_555 ? 
141 AD7 10 DC B 8 ? DC B 8   . ? 1_555 ? 
142 AD7 10 AG Q . ? AG B 102 . ? 1_555 ? 
143 AD7 10 AG S . ? AG B 104 . ? 1_555 ? 
144 AD7 10 AG T . ? AG B 105 . ? 1_555 ? 
145 AD8 10 AG E . ? AG A 103 . ? 1_555 ? 
146 AD8 10 AG F . ? AG A 104 . ? 1_555 ? 
147 AD8 10 AG I . ? AG A 107 . ? 1_555 ? 
148 AD8 10 AG K . ? AG A 109 . ? 1_555 ? 
149 AD8 10 AG N . ? AG A 112 . ? 1_555 ? 
150 AD8 10 AG O . ? AG A 113 . ? 1_555 ? 
151 AD8 10 DG B 7 ? DG B 7   . ? 1_555 ? 
152 AD8 10 DC B 8 ? DC B 8   . ? 1_555 ? 
153 AD8 10 AG Q . ? AG B 102 . ? 1_555 ? 
154 AD8 10 AG R . ? AG B 103 . ? 1_555 ? 
155 AD9 9  DG A 7 ? DG A 7   . ? 1_555 ? 
156 AD9 9  AG H . ? AG A 106 . ? 1_555 ? 
157 AD9 9  AG I . ? AG A 107 . ? 1_555 ? 
158 AD9 9  DC B 4 ? DC B 4   . ? 1_555 ? 
159 AD9 9  DG B 5 ? DG B 5   . ? 1_555 ? 
160 AD9 9  DA B 6 ? DA B 6   . ? 1_555 ? 
161 AD9 9  DC B 8 ? DC B 8   . ? 1_555 ? 
162 AD9 9  AG Q . ? AG B 102 . ? 1_555 ? 
163 AD9 9  AG R . ? AG B 103 . ? 1_555 ? 
# 
_atom_sites.entry_id                    7BSG 
_atom_sites.Cartn_transf_matrix[1][1]   ? 
_atom_sites.Cartn_transf_matrix[1][2]   ? 
_atom_sites.Cartn_transf_matrix[1][3]   ? 
_atom_sites.Cartn_transf_matrix[2][1]   ? 
_atom_sites.Cartn_transf_matrix[2][2]   ? 
_atom_sites.Cartn_transf_matrix[2][3]   ? 
_atom_sites.Cartn_transf_matrix[3][1]   ? 
_atom_sites.Cartn_transf_matrix[3][2]   ? 
_atom_sites.Cartn_transf_matrix[3][3]   ? 
_atom_sites.Cartn_transf_vector[1]      ? 
_atom_sites.Cartn_transf_vector[2]      ? 
_atom_sites.Cartn_transf_vector[3]      ? 
_atom_sites.fract_transf_matrix[1][1]   0.02402230 
_atom_sites.fract_transf_matrix[1][2]   0.01314852 
_atom_sites.fract_transf_matrix[1][3]   0.01923413 
_atom_sites.fract_transf_matrix[2][1]   0.01176991 
_atom_sites.fract_transf_matrix[2][2]   -0.02700144 
_atom_sites.fract_transf_matrix[2][3]   0.00375835 
_atom_sites.fract_transf_matrix[3][1]   0.00745736 
_atom_sites.fract_transf_matrix[3][2]   0.00178447 
_atom_sites.fract_transf_matrix[3][3]   -0.01053367 
_atom_sites.fract_transf_vector[1]      -0.307157 
_atom_sites.fract_transf_vector[2]      -0.198889 
_atom_sites.fract_transf_vector[3]      -0.130991 
_atom_sites.solution_primary            ? 
_atom_sites.solution_secondary          ? 
_atom_sites.solution_hydrogens          ? 
_atom_sites.special_details             ? 
# 
loop_
_atom_type.symbol 
AG 
C  
N  
O  
P  
# 
loop_
_atom_site.group_PDB 
_atom_site.id 
_atom_site.type_symbol 
_atom_site.label_atom_id 
_atom_site.label_alt_id 
_atom_site.label_comp_id 
_atom_site.label_asym_id 
_atom_site.label_entity_id 
_atom_site.label_seq_id 
_atom_site.pdbx_PDB_ins_code 
_atom_site.Cartn_x 
_atom_site.Cartn_y 
_atom_site.Cartn_z 
_atom_site.occupancy 
_atom_site.B_iso_or_equiv 
_atom_site.pdbx_formal_charge 
_atom_site.auth_seq_id 
_atom_site.auth_comp_id 
_atom_site.auth_asym_id 
_atom_site.auth_atom_id 
_atom_site.pdbx_PDB_model_num 
ATOM   1   O  "O5'" . DC A 1 1  ? -4.583  -8.612  5.254   1.00 48.19 ? 1   DC A "O5'" 1 
ATOM   2   C  "C5'" . DC A 1 1  ? -3.956  -9.646  4.494   1.00 40.76 ? 1   DC A "C5'" 1 
ATOM   3   C  "C4'" . DC A 1 1  ? -2.761  -9.108  3.723   1.00 43.27 ? 1   DC A "C4'" 1 
ATOM   4   O  "O4'" . DC A 1 1  ? -3.209  -8.156  2.725   1.00 42.32 ? 1   DC A "O4'" 1 
ATOM   5   C  "C3'" . DC A 1 1  ? -1.717  -8.368  4.567   1.00 46.33 ? 1   DC A "C3'" 1 
ATOM   6   O  "O3'" . DC A 1 1  ? -0.399  -8.681  4.095   1.00 43.57 ? 1   DC A "O3'" 1 
ATOM   7   C  "C2'" . DC A 1 1  ? -2.063  -6.900  4.309   1.00 38.52 ? 1   DC A "C2'" 1 
ATOM   8   C  "C1'" . DC A 1 1  ? -2.449  -6.970  2.850   1.00 41.48 ? 1   DC A "C1'" 1 
ATOM   9   N  N1    . DC A 1 1  ? -3.270  -5.819  2.356   1.00 40.68 ? 1   DC A N1    1 
ATOM   10  C  C2    . DC A 1 1  ? -2.708  -4.905  1.450   1.00 39.12 ? 1   DC A C2    1 
ATOM   11  O  O2    . DC A 1 1  ? -1.514  -5.046  1.093   1.00 41.01 ? 1   DC A O2    1 
ATOM   12  N  N3    . DC A 1 1  ? -3.475  -3.888  1.003   1.00 41.45 ? 1   DC A N3    1 
ATOM   13  C  C4    . DC A 1 1  ? -4.750  -3.784  1.399   1.00 38.39 ? 1   DC A C4    1 
ATOM   14  N  N4    . DC A 1 1  ? -5.465  -2.763  0.928   1.00 39.39 ? 1   DC A N4    1 
ATOM   15  C  C5    . DC A 1 1  ? -5.338  -4.706  2.302   1.00 36.93 ? 1   DC A C5    1 
ATOM   16  C  C6    . DC A 1 1  ? -4.572  -5.695  2.752   1.00 40.52 ? 1   DC A C6    1 
ATOM   17  P  P     . DA A 1 2  ? 0.396   -9.963  4.650   1.00 50.53 ? 2   DA A P     1 
ATOM   18  O  OP1   . DA A 1 2  ? -0.598  -10.983 5.054   1.00 46.92 ? 2   DA A OP1   1 
ATOM   19  O  OP2   . DA A 1 2  ? 1.369   -9.491  5.672   1.00 41.34 ? 2   DA A OP2   1 
ATOM   20  O  "O5'" . DA A 1 2  ? 1.198   -10.467 3.354   1.00 45.28 ? 2   DA A "O5'" 1 
ATOM   21  C  "C5'" . DA A 1 2  ? 1.790   -9.499  2.471   1.00 43.35 ? 2   DA A "C5'" 1 
ATOM   22  C  "C4'" . DA A 1 2  ? 2.594   -10.166 1.366   1.00 42.30 ? 2   DA A "C4'" 1 
ATOM   23  O  "O4'" . DA A 1 2  ? 1.718   -10.498 0.277   1.00 43.42 ? 2   DA A "O4'" 1 
ATOM   24  C  "C3'" . DA A 1 2  ? 3.661   -9.289  0.735   1.00 42.13 ? 2   DA A "C3'" 1 
ATOM   25  O  "O3'" . DA A 1 2  ? 4.656   -10.096 0.119   1.00 46.46 ? 2   DA A "O3'" 1 
ATOM   26  C  "C2'" . DA A 1 2  ? 2.865   -8.487  -0.301  1.00 44.07 ? 2   DA A "C2'" 1 
ATOM   27  C  "C1'" . DA A 1 2  ? 1.713   -9.429  -0.669  1.00 43.22 ? 2   DA A "C1'" 1 
ATOM   28  N  N9    . DA A 1 2  ? 0.373   -8.794  -0.682  1.00 42.47 ? 2   DA A N9    1 
ATOM   29  C  C8    . DA A 1 2  ? -0.733  -9.190  0.037   1.00 41.92 ? 2   DA A C8    1 
ATOM   30  N  N7    . DA A 1 2  ? -1.808  -8.449  -0.190  1.00 41.46 ? 2   DA A N7    1 
ATOM   31  C  C5    . DA A 1 2  ? -1.376  -7.499  -1.120  1.00 37.28 ? 2   DA A C5    1 
ATOM   32  C  C6    . DA A 1 2  ? -2.042  -6.426  -1.756  1.00 39.00 ? 2   DA A C6    1 
ATOM   33  N  N6    . DA A 1 2  ? -3.328  -6.130  -1.538  1.00 36.74 ? 2   DA A N6    1 
ATOM   34  N  N1    . DA A 1 2  ? -1.337  -5.679  -2.637  1.00 41.12 ? 2   DA A N1    1 
ATOM   35  C  C2    . DA A 1 2  ? -0.047  -5.968  -2.840  1.00 38.12 ? 2   DA A C2    1 
ATOM   36  N  N3    . DA A 1 2  ? 0.681   -6.947  -2.301  1.00 46.26 ? 2   DA A N3    1 
ATOM   37  C  C4    . DA A 1 2  ? -0.046  -7.682  -1.430  1.00 40.16 ? 2   DA A C4    1 
ATOM   38  P  P     . DC A 1 3  ? 6.193   -10.020 0.594   1.00 49.69 ? 3   DC A P     1 
ATOM   39  O  OP1   . DC A 1 3  ? 6.927   -11.047 -0.170  1.00 52.47 ? 3   DC A OP1   1 
ATOM   40  O  OP2   . DC A 1 3  ? 6.259   -9.972  2.079   1.00 43.89 ? 3   DC A OP2   1 
ATOM   41  O  "O5'" . DC A 1 3  ? 6.715   -8.631  0.045   1.00 41.67 ? 3   DC A "O5'" 1 
ATOM   42  C  "C5'" . DC A 1 3  ? 6.999   -8.482  -1.326  1.00 45.58 ? 3   DC A "C5'" 1 
ATOM   43  C  "C4'" . DC A 1 3  ? 6.828   -7.040  -1.689  1.00 44.50 ? 3   DC A "C4'" 1 
ATOM   44  O  "O4'" . DC A 1 3  ? 5.438   -6.724  -1.530  1.00 43.05 ? 3   DC A "O4'" 1 
ATOM   45  C  "C3'" . DC A 1 3  ? 7.565   -6.108  -0.747  1.00 45.24 ? 3   DC A "C3'" 1 
ATOM   46  O  "O3'" . DC A 1 3  ? 8.802   -5.708  -1.311  1.00 44.95 ? 3   DC A "O3'" 1 
ATOM   47  C  "C2'" . DC A 1 3  ? 6.620   -4.918  -0.545  1.00 43.75 ? 3   DC A "C2'" 1 
ATOM   48  C  "C1'" . DC A 1 3  ? 5.278   -5.388  -1.100  1.00 43.38 ? 3   DC A "C1'" 1 
ATOM   49  N  N1    . DC A 1 3  ? 4.185   -5.369  -0.100  1.00 39.77 ? 3   DC A N1    1 
ATOM   50  C  C2    . DC A 1 3  ? 2.912   -4.878  -0.458  1.00 38.51 ? 3   DC A C2    1 
ATOM   51  O  O2    . DC A 1 3  ? 2.726   -4.443  -1.602  1.00 39.09 ? 3   DC A O2    1 
ATOM   52  N  N3    . DC A 1 3  ? 1.928   -4.884  0.469   1.00 37.36 ? 3   DC A N3    1 
ATOM   53  C  C4    . DC A 1 3  ? 2.170   -5.375  1.699   1.00 38.91 ? 3   DC A C4    1 
ATOM   54  N  N4    . DC A 1 3  ? 1.168   -5.374  2.582   1.00 38.45 ? 3   DC A N4    1 
ATOM   55  C  C5    . DC A 1 3  ? 3.450   -5.886  2.071   1.00 37.30 ? 3   DC A C5    1 
ATOM   56  C  C6    . DC A 1 3  ? 4.418   -5.863  1.151   1.00 37.41 ? 3   DC A C6    1 
ATOM   57  P  P     . DC A 1 4  ? 9.854   -4.907  -0.399  1.00 50.28 ? 4   DC A P     1 
ATOM   58  O  OP1   . DC A 1 4  ? 11.133  -4.799  -1.139  1.00 52.36 ? 4   DC A OP1   1 
ATOM   59  O  OP2   . DC A 1 4  ? 9.811   -5.503  0.956   1.00 44.31 ? 4   DC A OP2   1 
ATOM   60  O  "O5'" . DC A 1 4  ? 9.271   -3.421  -0.413  1.00 46.05 ? 4   DC A "O5'" 1 
ATOM   61  C  "C5'" . DC A 1 4  ? 9.218   -2.750  -1.663  1.00 44.43 ? 4   DC A "C5'" 1 
ATOM   62  C  "C4'" . DC A 1 4  ? 8.188   -1.643  -1.661  1.00 44.48 ? 4   DC A "C4'" 1 
ATOM   63  O  "O4'" . DC A 1 4  ? 6.863   -2.164  -1.433  1.00 41.58 ? 4   DC A "O4'" 1 
ATOM   64  C  "C3'" . DC A 1 4  ? 8.349   -0.627  -0.570  1.00 43.74 ? 4   DC A "C3'" 1 
ATOM   65  O  "O3'" . DC A 1 4  ? 9.442   0.242   -0.886  1.00 42.02 ? 4   DC A "O3'" 1 
ATOM   66  C  "C2'" . DC A 1 4  ? 6.984   0.072   -0.641  1.00 46.17 ? 4   DC A "C2'" 1 
ATOM   67  C  "C1'" . DC A 1 4  ? 6.033   -1.087  -1.060  1.00 42.78 ? 4   DC A "C1'" 1 
ATOM   68  N  N1    . DC A 1 4  ? 5.091   -1.520  0.041   1.00 39.60 ? 4   DC A N1    1 
ATOM   69  C  C2    . DC A 1 4  ? 3.685   -1.588  -0.180  1.00 35.91 ? 4   DC A C2    1 
ATOM   70  O  O2    . DC A 1 4  ? 3.215   -1.327  -1.296  1.00 31.33 ? 4   DC A O2    1 
ATOM   71  N  N3    . DC A 1 4  ? 2.882   -1.949  0.854   1.00 34.38 ? 4   DC A N3    1 
ATOM   72  C  C4    . DC A 1 4  ? 3.414   -2.236  2.043   1.00 33.04 ? 4   DC A C4    1 
ATOM   73  N  N4    . DC A 1 4  ? 2.585   -2.581  3.032   1.00 36.54 ? 4   DC A N4    1 
ATOM   74  C  C5    . DC A 1 4  ? 4.813   -2.188  2.279   1.00 33.91 ? 4   DC A C5    1 
ATOM   75  C  C6    . DC A 1 4  ? 5.604   -1.811  1.269   1.00 40.47 ? 4   DC A C6    1 
ATOM   76  P  P     . DG A 1 5  ? 10.214  1.043   0.314   1.00 51.02 ? 5   DG A P     1 
ATOM   77  O  OP1   . DG A 1 5  ? 11.497  1.527   -0.182  1.00 52.61 ? 5   DG A OP1   1 
ATOM   78  O  OP2   . DG A 1 5  ? 10.164  0.246   1.503   1.00 53.16 ? 5   DG A OP2   1 
ATOM   79  O  "O5'" . DG A 1 5  ? 9.298   2.321   0.498   1.00 50.34 ? 5   DG A "O5'" 1 
ATOM   80  C  "C5'" . DG A 1 5  ? 9.753   3.481   1.179   1.00 48.42 ? 5   DG A "C5'" 1 
ATOM   81  C  "C4'" . DG A 1 5  ? 8.865   4.641   0.814   1.00 45.23 ? 5   DG A "C4'" 1 
ATOM   82  O  "O4'" . DG A 1 5  ? 9.076   5.021   -0.563  1.00 46.52 ? 5   DG A "O4'" 1 
ATOM   83  C  "C3'" . DG A 1 5  ? 7.395   4.305   0.912   1.00 43.34 ? 5   DG A "C3'" 1 
ATOM   84  O  "O3'" . DG A 1 5  ? 6.663   5.483   1.189   1.00 45.02 ? 5   DG A "O3'" 1 
ATOM   85  C  "C2'" . DG A 1 5  ? 7.066   3.855   -0.490  1.00 47.03 ? 5   DG A "C2'" 1 
ATOM   86  C  "C1'" . DG A 1 5  ? 7.922   4.776   -1.327  1.00 43.71 ? 5   DG A "C1'" 1 
ATOM   87  P  P     . DA A 1 6  ? 5.213   5.401   1.914   1.00 33.08 ? 6   DA A P     1 
ATOM   88  O  OP1   . DA A 1 6  ? 4.812   4.024   1.879   1.00 39.04 ? 6   DA A OP1   1 
ATOM   89  O  OP2   . DA A 1 6  ? 4.359   6.342   1.327   1.00 39.84 ? 6   DA A OP2   1 
ATOM   90  O  "O5'" . DA A 1 6  ? 5.458   6.049   3.301   1.00 34.99 ? 6   DA A "O5'" 1 
ATOM   91  C  "C5'" . DA A 1 6  ? 6.186   7.280   3.337   1.00 42.27 ? 6   DA A "C5'" 1 
ATOM   92  C  "C4'" . DA A 1 6  ? 5.922   7.924   4.667   1.00 38.88 ? 6   DA A "C4'" 1 
ATOM   93  O  "O4'" . DA A 1 6  ? 4.646   8.569   4.547   1.00 40.37 ? 6   DA A "O4'" 1 
ATOM   94  C  "C3'" . DA A 1 6  ? 5.798   6.902   5.793   1.00 40.54 ? 6   DA A "C3'" 1 
ATOM   95  O  "O3'" . DA A 1 6  ? 6.577   7.145   6.961   1.00 47.93 ? 6   DA A "O3'" 1 
ATOM   96  C  "C2'" . DA A 1 6  ? 4.370   7.038   6.248   1.00 39.44 ? 6   DA A "C2'" 1 
ATOM   97  C  "C1'" . DA A 1 6  ? 3.866   8.305   5.658   1.00 38.31 ? 6   DA A "C1'" 1 
ATOM   98  N  N9    . DA A 1 6  ? 2.525   8.127   5.197   1.00 40.34 ? 6   DA A N9    1 
ATOM   99  C  C8    . DA A 1 6  ? 2.159   7.920   3.901   1.00 38.97 ? 6   DA A C8    1 
ATOM   100 N  N7    . DA A 1 6  ? 0.873   7.792   3.734   1.00 33.95 ? 6   DA A N7    1 
ATOM   101 C  C5    . DA A 1 6  ? 0.369   7.808   5.019   1.00 36.22 ? 6   DA A C5    1 
ATOM   102 C  C6    . DA A 1 6  ? -0.929  7.722   5.516   1.00 40.07 ? 6   DA A C6    1 
ATOM   103 N  N6    . DA A 1 6  ? -1.995  7.526   4.747   1.00 40.59 ? 6   DA A N6    1 
ATOM   104 N  N1    . DA A 1 6  ? -1.098  7.810   6.852   1.00 40.43 ? 6   DA A N1    1 
ATOM   105 C  C2    . DA A 1 6  ? -0.028  8.035   7.615   1.00 40.86 ? 6   DA A C2    1 
ATOM   106 N  N3    . DA A 1 6  ? 1.245   8.144   7.260   1.00 42.50 ? 6   DA A N3    1 
ATOM   107 C  C4    . DA A 1 6  ? 1.380   7.995   5.934   1.00 36.41 ? 6   DA A C4    1 
ATOM   108 P  P     . DG A 1 7  ? 7.531   6.035   7.607   1.00 49.90 ? 7   DG A P     1 
ATOM   109 O  OP1   . DG A 1 7  ? 8.268   6.682   8.732   1.00 47.26 ? 7   DG A OP1   1 
ATOM   110 O  OP2   . DG A 1 7  ? 8.251   5.346   6.517   1.00 41.77 ? 7   DG A OP2   1 
ATOM   111 O  "O5'" . DG A 1 7  ? 6.474   4.999   8.233   1.00 45.09 ? 7   DG A "O5'" 1 
ATOM   112 C  "C5'" . DG A 1 7  ? 5.749   5.351   9.408   1.00 42.00 ? 7   DG A "C5'" 1 
ATOM   113 C  "C4'" . DG A 1 7  ? 4.548   4.448   9.627   1.00 40.59 ? 7   DG A "C4'" 1 
ATOM   114 O  "O4'" . DG A 1 7  ? 3.441   4.860   8.770   1.00 42.43 ? 7   DG A "O4'" 1 
ATOM   115 C  "C3'" . DG A 1 7  ? 4.769   2.945   9.344   1.00 44.29 ? 7   DG A "C3'" 1 
ATOM   116 O  "O3'" . DG A 1 7  ? 4.140   2.172   10.368  1.00 45.58 ? 7   DG A "O3'" 1 
ATOM   117 C  "C2'" . DG A 1 7  ? 4.047   2.764   8.026   1.00 42.79 ? 7   DG A "C2'" 1 
ATOM   118 C  "C1'" . DG A 1 7  ? 2.866   3.696   8.242   1.00 41.73 ? 7   DG A "C1'" 1 
ATOM   119 N  N9    . DG A 1 7  ? 2.170   3.980   7.010   1.00 39.13 ? 7   DG A N9    1 
ATOM   120 C  C8    . DG A 1 7  ? 2.742   4.148   5.768   1.00 37.56 ? 7   DG A C8    1 
ATOM   121 N  N7    . DG A 1 7  ? 1.874   4.359   4.825   1.00 37.25 ? 7   DG A N7    1 
ATOM   122 C  C5    . DG A 1 7  ? 0.650   4.307   5.470   1.00 36.21 ? 7   DG A C5    1 
ATOM   123 C  C6    . DG A 1 7  ? -0.654  4.436   4.945   1.00 38.46 ? 7   DG A C6    1 
ATOM   124 O  O6    . DG A 1 7  ? -0.989  4.640   3.772   1.00 33.58 ? 7   DG A O6    1 
ATOM   125 N  N1    . DG A 1 7  ? -1.625  4.291   5.940   1.00 38.95 ? 7   DG A N1    1 
ATOM   126 C  C2    . DG A 1 7  ? -1.356  4.074   7.273   1.00 42.25 ? 7   DG A C2    1 
ATOM   127 N  N2    . DG A 1 7  ? -2.420  3.978   8.087   1.00 46.45 ? 7   DG A N2    1 
ATOM   128 N  N3    . DG A 1 7  ? -0.133  3.940   7.774   1.00 39.61 ? 7   DG A N3    1 
ATOM   129 C  C4    . DG A 1 7  ? 0.815   4.067   6.820   1.00 37.37 ? 7   DG A C4    1 
ATOM   130 P  P     . DC A 1 8  ? 3.994   0.571   10.265  1.00 45.94 ? 8   DC A P     1 
ATOM   131 O  OP1   . DC A 1 8  ? 3.498   0.232   11.619  1.00 49.44 ? 8   DC A OP1   1 
ATOM   132 O  OP2   . DC A 1 8  ? 5.215   -0.037  9.696   1.00 42.26 ? 8   DC A OP2   1 
ATOM   133 O  "O5'" . DC A 1 8  ? 2.768   0.311   9.273   1.00 44.49 ? 8   DC A "O5'" 1 
ATOM   134 C  "C5'" . DC A 1 8  ? 1.435   0.304   9.800   1.00 41.76 ? 8   DC A "C5'" 1 
ATOM   135 C  "C4'" . DC A 1 8  ? 0.407   0.355   8.689   1.00 42.80 ? 8   DC A "C4'" 1 
ATOM   136 O  "O4'" . DC A 1 8  ? 0.856   1.259   7.662   1.00 44.08 ? 8   DC A "O4'" 1 
ATOM   137 C  "C3'" . DC A 1 8  ? 0.176   -0.957  7.976   1.00 45.22 ? 8   DC A "C3'" 1 
ATOM   138 O  "O3'" . DC A 1 8  ? -0.823  -1.683  8.655   1.00 46.05 ? 8   DC A "O3'" 1 
ATOM   139 C  "C2'" . DC A 1 8  ? -0.303  -0.520  6.591   1.00 40.69 ? 8   DC A "C2'" 1 
ATOM   140 C  "C1'" . DC A 1 8  ? 0.380   0.835   6.400   1.00 40.05 ? 8   DC A "C1'" 1 
ATOM   141 N  N1    . DC A 1 8  ? 1.531   0.803   5.468   1.00 40.34 ? 8   DC A N1    1 
ATOM   142 C  C2    . DC A 1 8  ? 1.396   1.341   4.180   1.00 37.48 ? 8   DC A C2    1 
ATOM   143 O  O2    . DC A 1 8  ? 0.319   1.810   3.845   1.00 34.71 ? 8   DC A O2    1 
ATOM   144 N  N3    . DC A 1 8  ? 2.453   1.320   3.342   1.00 35.20 ? 8   DC A N3    1 
ATOM   145 C  C4    . DC A 1 8  ? 3.611   0.786   3.749   1.00 37.14 ? 8   DC A C4    1 
ATOM   146 N  N4    . DC A 1 8  ? 4.628   0.763   2.885   1.00 32.28 ? 8   DC A N4    1 
ATOM   147 C  C5    . DC A 1 8  ? 3.772   0.253   5.062   1.00 39.47 ? 8   DC A C5    1 
ATOM   148 C  C6    . DC A 1 8  ? 2.716   0.284   5.881   1.00 35.71 ? 8   DC A C6    1 
ATOM   149 P  P     . DG A 1 9  ? -0.477  -3.042  9.331   1.00 47.55 ? 9   DG A P     1 
ATOM   150 O  OP1   . DG A 1 9  ? 0.274   -2.778  10.488  1.00 44.43 ? 9   DG A OP1   1 
ATOM   151 O  OP2   . DG A 1 9  ? 0.108   -3.877  8.329   1.00 40.22 ? 9   DG A OP2   1 
ATOM   152 O  "O5'" . DG A 1 9  ? -1.902  -3.694  9.503   1.00 40.83 ? 9   DG A "O5'" 1 
ATOM   153 C  "C5'" . DG A 1 9  ? -2.994  -2.970  10.021  1.00 42.21 ? 9   DG A "C5'" 1 
ATOM   154 C  "C4'" . DG A 1 9  ? -4.075  -2.881  8.975   1.00 42.70 ? 9   DG A "C4'" 1 
ATOM   155 O  "O4'" . DG A 1 9  ? -3.459  -2.484  7.750   1.00 39.47 ? 9   DG A "O4'" 1 
ATOM   156 C  "C3'" . DG A 1 9  ? -4.765  -4.203  8.666   1.00 40.21 ? 9   DG A "C3'" 1 
ATOM   157 O  "O3'" . DG A 1 9  ? -6.133  -3.999  8.333   1.00 41.55 ? 9   DG A "O3'" 1 
ATOM   158 C  "C2'" . DG A 1 9  ? -3.969  -4.707  7.485   1.00 40.43 ? 9   DG A "C2'" 1 
ATOM   159 C  "C1'" . DG A 1 9  ? -3.736  -3.418  6.759   1.00 38.75 ? 9   DG A "C1'" 1 
ATOM   160 N  N9    . DG A 1 9  ? -2.625  -3.385  5.830   1.00 39.39 ? 9   DG A N9    1 
ATOM   161 C  C8    . DG A 1 9  ? -1.442  -4.073  5.911   1.00 39.39 ? 9   DG A C8    1 
ATOM   162 N  N7    . DG A 1 9  ? -0.613  -3.782  4.951   1.00 36.89 ? 9   DG A N7    1 
ATOM   163 C  C5    . DG A 1 9  ? -1.291  -2.847  4.187   1.00 40.52 ? 9   DG A C5    1 
ATOM   164 C  C6    . DG A 1 9  ? -0.898  -2.153  3.006   1.00 38.71 ? 9   DG A C6    1 
ATOM   165 O  O6    . DG A 1 9  ? 0.164   -2.224  2.388   1.00 35.24 ? 9   DG A O6    1 
ATOM   166 N  N1    . DG A 1 9  ? -1.869  -1.254  2.602   1.00 35.62 ? 9   DG A N1    1 
ATOM   167 C  C2    . DG A 1 9  ? -3.063  -1.049  3.228   1.00 34.79 ? 9   DG A C2    1 
ATOM   168 N  N2    . DG A 1 9  ? -3.860  -0.142  2.675   1.00 36.96 ? 9   DG A N2    1 
ATOM   169 N  N3    . DG A 1 9  ? -3.437  -1.670  4.327   1.00 33.77 ? 9   DG A N3    1 
ATOM   170 C  C4    . DG A 1 9  ? -2.519  -2.565  4.739   1.00 41.51 ? 9   DG A C4    1 
ATOM   171 P  P     . DA A 1 10 ? -7.220  -4.111  9.411   1.00 41.85 ? 10  DA A P     1 
ATOM   172 O  OP1   . DA A 1 10 ? -8.378  -3.280  9.016   1.00 48.05 ? 10  DA A OP1   1 
ATOM   173 O  OP2   . DA A 1 10 ? -6.573  -3.841  10.720  1.00 51.27 ? 10  DA A OP2   1 
ATOM   174 O  "O5'" . DA A 1 10 ? -7.664  -5.639  9.358   1.00 45.59 ? 10  DA A "O5'" 1 
ATOM   175 C  "C5'" . DA A 1 10 ? -7.988  -6.221  8.100   1.00 42.71 ? 10  DA A "C5'" 1 
ATOM   176 C  "C4'" . DA A 1 10 ? -8.082  -7.724  8.231   1.00 40.66 ? 10  DA A "C4'" 1 
ATOM   177 O  "O4'" . DA A 1 10 ? -6.800  -8.308  7.895   1.00 47.29 ? 10  DA A "O4'" 1 
ATOM   178 C  "C3'" . DA A 1 10 ? -8.430  -8.206  9.636   1.00 37.26 ? 10  DA A "C3'" 1 
ATOM   179 O  "O3'" . DA A 1 10 ? -9.801  -8.559  9.694   1.00 41.35 ? 10  DA A "O3'" 1 
ATOM   180 C  "C2'" . DA A 1 10 ? -7.537  -9.423  9.829   1.00 41.27 ? 10  DA A "C2'" 1 
ATOM   181 C  "C1'" . DA A 1 10 ? -6.321  -9.067  8.979   1.00 41.97 ? 10  DA A "C1'" 1 
ATOM   182 N  N9    . DA A 1 10 ? -5.292  -8.296  9.699   1.00 42.06 ? 10  DA A N9    1 
ATOM   183 C  C8    . DA A 1 10 ? -5.382  -7.759  10.960  1.00 40.62 ? 10  DA A C8    1 
ATOM   184 N  N7    . DA A 1 10 ? -4.291  -7.147  11.352  1.00 43.06 ? 10  DA A N7    1 
ATOM   185 C  C5    . DA A 1 10 ? -3.424  -7.295  10.279  1.00 39.04 ? 10  DA A C5    1 
ATOM   186 C  C6    . DA A 1 10 ? -2.097  -6.869  10.060  1.00 43.31 ? 10  DA A C6    1 
ATOM   187 N  N6    . DA A 1 10 ? -1.382  -6.171  10.958  1.00 44.70 ? 10  DA A N6    1 
ATOM   188 N  N1    . DA A 1 10 ? -1.526  -7.188  8.885   1.00 38.94 ? 10  DA A N1    1 
ATOM   189 C  C2    . DA A 1 10 ? -2.238  -7.878  7.992   1.00 40.49 ? 10  DA A C2    1 
ATOM   190 N  N3    . DA A 1 10 ? -3.485  -8.326  8.079   1.00 37.43 ? 10  DA A N3    1 
ATOM   191 C  C4    . DA A 1 10 ? -4.026  -8.000  9.257   1.00 37.43 ? 10  DA A C4    1 
ATOM   192 O  "O5'" . DC B 1 1  ? 2.535   -4.580  -10.536 1.00 47.28 ? 1   DC B "O5'" 1 
ATOM   193 C  "C5'" . DC B 1 1  ? 1.870   -5.831  -10.361 1.00 45.55 ? 1   DC B "C5'" 1 
ATOM   194 C  "C4'" . DC B 1 1  ? 0.761   -5.725  -9.327  1.00 43.55 ? 1   DC B "C4'" 1 
ATOM   195 O  "O4'" . DC B 1 1  ? 1.323   -5.588  -8.000  1.00 45.31 ? 1   DC B "O4'" 1 
ATOM   196 C  "C3'" . DC B 1 1  ? -0.173  -4.531  -9.485  1.00 45.53 ? 1   DC B "C3'" 1 
ATOM   197 O  "O3'" . DC B 1 1  ? -1.448  -4.920  -9.093  1.00 42.66 ? 1   DC B "O3'" 1 
ATOM   198 C  "C2'" . DC B 1 1  ? 0.410   -3.516  -8.500  1.00 41.97 ? 1   DC B "C2'" 1 
ATOM   199 C  "C1'" . DC B 1 1  ? 0.770   -4.445  -7.369  1.00 41.55 ? 1   DC B "C1'" 1 
ATOM   200 N  N1    . DC B 1 1  ? 1.776   -3.918  -6.422  1.00 40.82 ? 1   DC B N1    1 
ATOM   201 C  C2    . DC B 1 1  ? 1.381   -3.490  -5.148  1.00 38.20 ? 1   DC B C2    1 
ATOM   202 O  O2    . DC B 1 1  ? 0.177   -3.505  -4.843  1.00 37.16 ? 1   DC B O2    1 
ATOM   203 N  N3    . DC B 1 1  ? 2.335   -3.062  -4.284  1.00 41.35 ? 1   DC B N3    1 
ATOM   204 C  C4    . DC B 1 1  ? 3.626   -3.070  -4.649  1.00 40.91 ? 1   DC B C4    1 
ATOM   205 N  N4    . DC B 1 1  ? 4.535   -2.634  -3.770  1.00 37.30 ? 1   DC B N4    1 
ATOM   206 C  C5    . DC B 1 1  ? 4.037   -3.511  -5.933  1.00 43.80 ? 1   DC B C5    1 
ATOM   207 C  C6    . DC B 1 1  ? 3.091   -3.931  -6.775  1.00 43.30 ? 1   DC B C6    1 
ATOM   208 P  P     . DA B 1 2  ? -2.729  -4.252  -9.774  1.00 48.63 ? 2   DA B P     1 
ATOM   209 O  OP1   . DA B 1 2  ? -2.714  -4.474  -11.238 1.00 53.50 ? 2   DA B OP1   1 
ATOM   210 O  OP2   . DA B 1 2  ? -2.798  -2.872  -9.249  1.00 49.27 ? 2   DA B OP2   1 
ATOM   211 O  "O5'" . DA B 1 2  ? -3.915  -5.071  -9.134  1.00 40.91 ? 2   DA B "O5'" 1 
ATOM   212 C  "C5'" . DA B 1 2  ? -4.281  -4.778  -7.839  1.00 41.79 ? 2   DA B "C5'" 1 
ATOM   213 C  "C4'" . DA B 1 2  ? -5.309  -5.752  -7.354  1.00 41.83 ? 2   DA B "C4'" 1 
ATOM   214 O  "O4'" . DA B 1 2  ? -4.641  -6.975  -6.988  1.00 36.66 ? 2   DA B "O4'" 1 
ATOM   215 C  "C3'" . DA B 1 2  ? -6.013  -5.313  -6.096  1.00 43.46 ? 2   DA B "C3'" 1 
ATOM   216 O  "O3'" . DA B 1 2  ? -7.239  -6.046  -5.974  1.00 43.09 ? 2   DA B "O3'" 1 
ATOM   217 C  "C2'" . DA B 1 2  ? -4.980  -5.696  -5.032  1.00 36.11 ? 2   DA B "C2'" 1 
ATOM   218 C  "C1'" . DA B 1 2  ? -4.531  -7.054  -5.580  1.00 38.00 ? 2   DA B "C1'" 1 
ATOM   219 N  N9    . DA B 1 2  ? -3.158  -7.457  -5.310  1.00 36.39 ? 2   DA B N9    1 
ATOM   220 C  C8    . DA B 1 2  ? -2.060  -7.089  -6.019  1.00 36.83 ? 2   DA B C8    1 
ATOM   221 N  N7    . DA B 1 2  ? -0.955  -7.662  -5.616  1.00 41.28 ? 2   DA B N7    1 
ATOM   222 C  C5    . DA B 1 2  ? -1.360  -8.502  -4.596  1.00 41.25 ? 2   DA B C5    1 
ATOM   223 C  C6    . DA B 1 2  ? -0.653  -9.391  -3.761  1.00 40.92 ? 2   DA B C6    1 
ATOM   224 N  N6    . DA B 1 2  ? 0.664   -9.566  -3.839  1.00 42.60 ? 2   DA B N6    1 
ATOM   225 N  N1    . DA B 1 2  ? -1.354  -10.069 -2.823  1.00 40.41 ? 2   DA B N1    1 
ATOM   226 C  C2    . DA B 1 2  ? -2.679  -9.884  -2.750  1.00 39.15 ? 2   DA B C2    1 
ATOM   227 N  N3    . DA B 1 2  ? -3.454  -9.080  -3.485  1.00 39.14 ? 2   DA B N3    1 
ATOM   228 C  C4    . DA B 1 2  ? -2.722  -8.410  -4.402  1.00 39.68 ? 2   DA B C4    1 
ATOM   229 P  P     . DC B 1 3  ? -8.553  -5.339  -6.375  1.00 50.12 ? 3   DC B P     1 
ATOM   230 O  OP1   . DC B 1 3  ? -9.693  -6.257  -6.230  1.00 44.89 ? 3   DC B OP1   1 
ATOM   231 O  OP2   . DC B 1 3  ? -8.347  -4.751  -7.670  1.00 46.47 ? 3   DC B OP2   1 
ATOM   232 O  "O5'" . DC B 1 3  ? -8.801  -4.321  -5.196  1.00 36.75 ? 3   DC B "O5'" 1 
ATOM   233 C  "C5'" . DC B 1 3  ? -8.859  -4.760  -3.847  1.00 39.94 ? 3   DC B "C5'" 1 
ATOM   234 C  "C4'" . DC B 1 3  ? -8.220  -3.757  -2.916  1.00 42.39 ? 3   DC B "C4'" 1 
ATOM   235 O  "O4'" . DC B 1 3  ? -6.788  -3.843  -2.980  1.00 39.94 ? 3   DC B "O4'" 1 
ATOM   236 C  "C3'" . DC B 1 3  ? -8.545  -2.303  -3.203  1.00 39.53 ? 3   DC B "C3'" 1 
ATOM   237 O  "O3'" . DC B 1 3  ? -9.603  -1.921  -2.357  1.00 39.95 ? 3   DC B "O3'" 1 
ATOM   238 C  "C2'" . DC B 1 3  ? -7.277  -1.571  -2.785  1.00 43.77 ? 3   DC B "C2'" 1 
ATOM   239 C  "C1'" . DC B 1 3  ? -6.193  -2.614  -2.654  1.00 41.85 ? 3   DC B "C1'" 1 
ATOM   240 N  N1    . DC B 1 3  ? -5.076  -2.435  -3.573  1.00 33.38 ? 3   DC B N1    1 
ATOM   241 C  C2    . DC B 1 3  ? -3.795  -2.805  -3.189  1.00 33.89 ? 3   DC B C2    1 
ATOM   242 O  O2    . DC B 1 3  ? -3.567  -3.069  -1.999  1.00 35.24 ? 3   DC B O2    1 
ATOM   243 N  N3    . DC B 1 3  ? -2.798  -2.694  -4.081  1.00 38.23 ? 3   DC B N3    1 
ATOM   244 C  C4    . DC B 1 3  ? -3.069  -2.412  -5.348  1.00 40.31 ? 3   DC B C4    1 
ATOM   245 N  N4    . DC B 1 3  ? -2.034  -2.284  -6.178  1.00 40.29 ? 3   DC B N4    1 
ATOM   246 C  C5    . DC B 1 3  ? -4.348  -1.964  -5.747  1.00 35.97 ? 3   DC B C5    1 
ATOM   247 C  C6    . DC B 1 3  ? -5.322  -2.030  -4.850  1.00 34.36 ? 3   DC B C6    1 
ATOM   248 P  P     . DC B 1 4  ? -10.289 -0.505  -2.480  1.00 51.10 ? 4   DC B P     1 
ATOM   249 O  OP1   . DC B 1 4  ? -11.625 -0.649  -1.849  1.00 41.49 ? 4   DC B OP1   1 
ATOM   250 O  OP2   . DC B 1 4  ? -10.254 -0.104  -3.895  1.00 39.94 ? 4   DC B OP2   1 
ATOM   251 O  "O5'" . DC B 1 4  ? -9.379  0.470   -1.563  1.00 45.76 ? 4   DC B "O5'" 1 
ATOM   252 C  "C5'" . DC B 1 4  ? -9.267  0.196   -0.154  1.00 41.26 ? 4   DC B "C5'" 1 
ATOM   253 C  "C4'" . DC B 1 4  ? -7.986  0.759   0.452   1.00 41.27 ? 4   DC B "C4'" 1 
ATOM   254 O  "O4'" . DC B 1 4  ? -6.835  0.063   -0.056  1.00 34.59 ? 4   DC B "O4'" 1 
ATOM   255 C  "C3'" . DC B 1 4  ? -7.696  2.201   0.132   1.00 44.58 ? 4   DC B "C3'" 1 
ATOM   256 O  "O3'" . DC B 1 4  ? -8.423  3.011   0.979   1.00 47.07 ? 4   DC B "O3'" 1 
ATOM   257 C  "C2'" . DC B 1 4  ? -6.203  2.298   0.439   1.00 38.27 ? 4   DC B "C2'" 1 
ATOM   258 C  "C1'" . DC B 1 4  ? -5.694  0.900   0.084   1.00 42.35 ? 4   DC B "C1'" 1 
ATOM   259 N  N1    . DC B 1 4  ? -4.891  0.842   -1.184  1.00 36.97 ? 4   DC B N1    1 
ATOM   260 C  C2    . DC B 1 4  ? -3.629  0.223   -1.189  1.00 36.72 ? 4   DC B C2    1 
ATOM   261 O  O2    . DC B 1 4  ? -3.164  -0.224  -0.132  1.00 35.85 ? 4   DC B O2    1 
ATOM   262 N  N3    . DC B 1 4  ? -2.934  0.163   -2.362  1.00 35.70 ? 4   DC B N3    1 
ATOM   263 C  C4    . DC B 1 4  ? -3.473  0.675   -3.484  1.00 32.42 ? 4   DC B C4    1 
ATOM   264 N  N4    . DC B 1 4  ? -2.754  0.621   -4.609  1.00 33.12 ? 4   DC B N4    1 
ATOM   265 C  C5    . DC B 1 4  ? -4.760  1.290   -3.493  1.00 31.28 ? 4   DC B C5    1 
ATOM   266 C  C6    . DC B 1 4  ? -5.421  1.356   -2.334  1.00 36.98 ? 4   DC B C6    1 
ATOM   267 P  P     . DG B 1 5  ? -9.064  4.374   0.434   1.00 48.21 ? 5   DG B P     1 
ATOM   268 O  OP1   . DG B 1 5  ? -10.048 4.765   1.490   1.00 48.20 ? 5   DG B OP1   1 
ATOM   269 O  OP2   . DG B 1 5  ? -9.533  4.175   -0.955  1.00 50.06 ? 5   DG B OP2   1 
ATOM   270 O  "O5'" . DG B 1 5  ? -7.850  5.414   0.456   1.00 43.37 ? 5   DG B "O5'" 1 
ATOM   271 C  "C5'" . DG B 1 5  ? -7.652  6.188   1.614   1.00 43.42 ? 5   DG B "C5'" 1 
ATOM   272 C  "C4'" . DG B 1 5  ? -6.376  7.000   1.559   1.00 43.67 ? 5   DG B "C4'" 1 
ATOM   273 O  "O4'" . DG B 1 5  ? -6.022  7.360   2.911   1.00 40.55 ? 5   DG B "O4'" 1 
ATOM   274 C  "C3'" . DG B 1 5  ? -5.137  6.281   1.062   1.00 41.71 ? 5   DG B "C3'" 1 
ATOM   275 O  "O3'" . DG B 1 5  ? -4.158  7.273   0.772   1.00 44.27 ? 5   DG B "O3'" 1 
ATOM   276 C  "C2'" . DG B 1 5  ? -4.782  5.448   2.286   1.00 43.26 ? 5   DG B "C2'" 1 
ATOM   277 C  "C1'" . DG B 1 5  ? -5.142  6.403   3.434   1.00 42.06 ? 5   DG B "C1'" 1 
ATOM   278 N  N9    . DG B 1 5  ? -5.807  5.777   4.578   1.00 41.50 ? 5   DG B N9    1 
ATOM   279 C  C8    . DG B 1 5  ? -6.941  4.997   4.561   1.00 42.43 ? 5   DG B C8    1 
ATOM   280 N  N7    . DG B 1 5  ? -7.317  4.602   5.742   1.00 41.81 ? 5   DG B N7    1 
ATOM   281 C  C5    . DG B 1 5  ? -6.383  5.162   6.600   1.00 44.06 ? 5   DG B C5    1 
ATOM   282 C  C6    . DG B 1 5  ? -6.281  5.090   8.012   1.00 46.54 ? 5   DG B C6    1 
ATOM   283 O  O6    . DG B 1 5  ? -7.019  4.490   8.809   1.00 42.49 ? 5   DG B O6    1 
ATOM   284 N  N1    . DG B 1 5  ? -5.185  5.811   8.484   1.00 43.71 ? 5   DG B N1    1 
ATOM   285 C  C2    . DG B 1 5  ? -4.303  6.504   7.699   1.00 43.46 ? 5   DG B C2    1 
ATOM   286 N  N2    . DG B 1 5  ? -3.309  7.132   8.340   1.00 43.30 ? 5   DG B N2    1 
ATOM   287 N  N3    . DG B 1 5  ? -4.390  6.585   6.376   1.00 43.52 ? 5   DG B N3    1 
ATOM   288 C  C4    . DG B 1 5  ? -5.451  5.894   5.898   1.00 43.17 ? 5   DG B C4    1 
ATOM   289 P  P     . DA B 1 6  ? -2.582  6.980   0.629   1.00 42.36 ? 6   DA B P     1 
ATOM   290 O  OP1   . DA B 1 6  ? -2.353  6.128   -0.556  1.00 43.27 ? 6   DA B OP1   1 
ATOM   291 O  OP2   . DA B 1 6  ? -1.968  6.568   1.904   1.00 38.32 ? 6   DA B OP2   1 
ATOM   292 O  "O5'" . DA B 1 6  ? -2.011  8.449   0.371   1.00 38.46 ? 6   DA B "O5'" 1 
ATOM   293 C  "C5'" . DA B 1 6  ? -2.787  9.580   0.757   1.00 34.85 ? 6   DA B "C5'" 1 
ATOM   294 C  "C4'" . DA B 1 6  ? -2.329  10.843  0.023   1.00 40.76 ? 6   DA B "C4'" 1 
ATOM   295 O  "O4'" . DA B 1 6  ? -0.939  11.107  0.339   1.00 36.08 ? 6   DA B "O4'" 1 
ATOM   296 C  "C3'" . DA B 1 6  ? -2.419  10.795  -1.508  1.00 38.50 ? 6   DA B "C3'" 1 
ATOM   297 O  "O3'" . DA B 1 6  ? -2.855  12.045  -2.028  1.00 41.23 ? 6   DA B "O3'" 1 
ATOM   298 C  "C2'" . DA B 1 6  ? -0.987  10.482  -1.940  1.00 39.77 ? 6   DA B "C2'" 1 
ATOM   299 C  "C1'" . DA B 1 6  ? -0.161  11.135  -0.846  1.00 36.41 ? 6   DA B "C1'" 1 
ATOM   300 N  N9    . DA B 1 6  ? 1.087   10.436  -0.571  1.00 41.77 ? 6   DA B N9    1 
ATOM   301 C  C8    . DA B 1 6  ? 1.318   9.532   0.434   1.00 42.49 ? 6   DA B C8    1 
ATOM   302 N  N7    . DA B 1 6  ? 2.546   9.057   0.441   1.00 45.38 ? 6   DA B N7    1 
ATOM   303 C  C5    . DA B 1 6  ? 3.152   9.696   -0.636  1.00 41.61 ? 6   DA B C5    1 
ATOM   304 C  C6    . DA B 1 6  ? 4.450   9.640   -1.160  1.00 37.99 ? 6   DA B C6    1 
ATOM   305 N  N6    . DA B 1 6  ? 5.403   8.867   -0.660  1.00 43.95 ? 6   DA B N6    1 
ATOM   306 N  N1    . DA B 1 6  ? 4.727   10.407  -2.234  1.00 46.72 ? 6   DA B N1    1 
ATOM   307 C  C2    . DA B 1 6  ? 3.767   11.182  -2.740  1.00 40.53 ? 6   DA B C2    1 
ATOM   308 N  N3    . DA B 1 6  ? 2.515   11.327  -2.332  1.00 42.04 ? 6   DA B N3    1 
ATOM   309 C  C4    . DA B 1 6  ? 2.267   10.549  -1.262  1.00 39.84 ? 6   DA B C4    1 
ATOM   310 P  P     . DG B 1 7  ? -3.800  12.078  -3.336  1.00 42.15 ? 7   DG B P     1 
ATOM   311 O  OP1   . DG B 1 7  ? -3.675  13.428  -3.951  1.00 42.04 ? 7   DG B OP1   1 
ATOM   312 O  OP2   . DG B 1 7  ? -5.116  11.541  -2.946  1.00 41.02 ? 7   DG B OP2   1 
ATOM   313 O  "O5'" . DG B 1 7  ? -3.140  10.950  -4.273  1.00 45.83 ? 7   DG B "O5'" 1 
ATOM   314 C  "C5'" . DG B 1 7  ? -2.588  11.299  -5.517  1.00 41.75 ? 7   DG B "C5'" 1 
ATOM   315 C  "C4'" . DG B 1 7  ? -1.552  10.286  -5.977  1.00 44.17 ? 7   DG B "C4'" 1 
ATOM   316 O  "O4'" . DG B 1 7  ? -0.728  9.834   -4.867  1.00 39.88 ? 7   DG B "O4'" 1 
ATOM   317 C  "C3'" . DG B 1 7  ? -2.092  8.985   -6.622  1.00 46.81 ? 7   DG B "C3'" 1 
ATOM   318 O  "O3'" . DG B 1 7  ? -1.390  8.739   -7.856  1.00 38.64 ? 7   DG B "O3'" 1 
ATOM   319 C  "C2'" . DG B 1 7  ? -1.711  7.927   -5.584  1.00 42.93 ? 7   DG B "C2'" 1 
ATOM   320 C  "C1'" . DG B 1 7  ? -0.390  8.524   -5.189  1.00 41.19 ? 7   DG B "C1'" 1 
ATOM   321 N  N9    . DG B 1 7  ? 0.326   7.870   -4.111  1.00 38.84 ? 7   DG B N9    1 
ATOM   322 C  C8    . DG B 1 7  ? -0.182  7.271   -2.978  1.00 36.92 ? 7   DG B C8    1 
ATOM   323 N  N7    . DG B 1 7  ? 0.751   6.759   -2.203  1.00 36.64 ? 7   DG B N7    1 
ATOM   324 C  C5    . DG B 1 7  ? 1.936   7.031   -2.886  1.00 41.88 ? 7   DG B C5    1 
ATOM   325 C  C6    . DG B 1 7  ? 3.274   6.730   -2.554  1.00 43.66 ? 7   DG B C6    1 
ATOM   326 O  O6    . DG B 1 7  ? 3.698   6.129   -1.559  1.00 46.00 ? 7   DG B O6    1 
ATOM   327 N  N1    . DG B 1 7  ? 4.169   7.190   -3.535  1.00 41.35 ? 7   DG B N1    1 
ATOM   328 C  C2    . DG B 1 7  ? 3.802   7.863   -4.677  1.00 46.26 ? 7   DG B C2    1 
ATOM   329 N  N2    . DG B 1 7  ? 4.798   8.241   -5.502  1.00 43.81 ? 7   DG B N2    1 
ATOM   330 N  N3    . DG B 1 7  ? 2.548   8.156   -4.988  1.00 41.91 ? 7   DG B N3    1 
ATOM   331 C  C4    . DG B 1 7  ? 1.681   7.718   -4.053  1.00 40.12 ? 7   DG B C4    1 
ATOM   332 P  P     . DC B 1 8  ? -1.681  7.402   -8.708  1.00 42.37 ? 8   DC B P     1 
ATOM   333 O  OP1   . DC B 1 8  ? -1.275  7.724   -10.095 1.00 46.50 ? 8   DC B OP1   1 
ATOM   334 O  OP2   . DC B 1 8  ? -3.042  6.899   -8.413  1.00 42.27 ? 8   DC B OP2   1 
ATOM   335 O  "O5'" . DC B 1 8  ? -0.641  6.339   -8.144  1.00 44.15 ? 8   DC B "O5'" 1 
ATOM   336 C  "C5'" . DC B 1 8  ? 0.747   6.561   -8.341  1.00 41.79 ? 8   DC B "C5'" 1 
ATOM   337 C  "C4'" . DC B 1 8  ? 1.558   5.572   -7.541  1.00 43.76 ? 8   DC B "C4'" 1 
ATOM   338 O  "O4'" . DC B 1 8  ? 1.248   5.713   -6.137  1.00 42.73 ? 8   DC B "O4'" 1 
ATOM   339 C  "C3'" . DC B 1 8  ? 1.249   4.131   -7.853  1.00 45.05 ? 8   DC B "C3'" 1 
ATOM   340 O  "O3'" . DC B 1 8  ? 2.004   3.720   -8.988  1.00 50.73 ? 8   DC B "O3'" 1 
ATOM   341 C  "C2'" . DC B 1 8  ? 1.698   3.420   -6.572  1.00 43.21 ? 8   DC B "C2'" 1 
ATOM   342 C  "C1'" . DC B 1 8  ? 1.430   4.471   -5.484  1.00 40.52 ? 8   DC B "C1'" 1 
ATOM   343 N  N1    . DC B 1 8  ? 0.214   4.203   -4.676  1.00 41.81 ? 8   DC B N1    1 
ATOM   344 C  C2    . DC B 1 8  ? 0.336   3.743   -3.348  1.00 38.65 ? 8   DC B C2    1 
ATOM   345 O  O2    . DC B 1 8  ? 1.453   3.568   -2.873  1.00 33.16 ? 8   DC B O2    1 
ATOM   346 N  N3    . DC B 1 8  ? -0.788  3.533   -2.618  1.00 40.51 ? 8   DC B N3    1 
ATOM   347 C  C4    . DC B 1 8  ? -1.988  3.738   -3.175  1.00 42.05 ? 8   DC B C4    1 
ATOM   348 N  N4    . DC B 1 8  ? -3.083  3.498   -2.428  1.00 32.64 ? 8   DC B N4    1 
ATOM   349 C  C5    . DC B 1 8  ? -2.123  4.198   -4.521  1.00 35.07 ? 8   DC B C5    1 
ATOM   350 C  C6    . DC B 1 8  ? -1.011  4.415   -5.224  1.00 34.05 ? 8   DC B C6    1 
ATOM   351 P  P     . DG B 1 9  ? 1.263   3.343   -10.367 1.00 56.37 ? 9   DG B P     1 
ATOM   352 O  OP1   . DG B 1 9  ? 1.660   4.350   -11.372 1.00 53.05 ? 9   DG B OP1   1 
ATOM   353 O  OP2   . DG B 1 9  ? -0.178  3.146   -10.086 1.00 46.80 ? 9   DG B OP2   1 
ATOM   354 O  "O5'" . DG B 1 9  ? 1.901   1.922   -10.750 1.00 48.06 ? 9   DG B "O5'" 1 
ATOM   355 C  "C5'" . DG B 1 9  ? 3.128   1.866   -11.459 1.00 49.79 ? 9   DG B "C5'" 1 
ATOM   356 C  "C4'" . DG B 1 9  ? 4.229   1.295   -10.584 1.00 52.01 ? 9   DG B "C4'" 1 
ATOM   357 O  "O4'" . DG B 1 9  ? 3.817   1.360   -9.192  1.00 48.49 ? 9   DG B "O4'" 1 
ATOM   358 C  "C3'" . DG B 1 9  ? 4.568   -0.170  -10.837 1.00 50.58 ? 9   DG B "C3'" 1 
ATOM   359 O  "O3'" . DG B 1 9  ? 5.960   -0.411  -10.511 1.00 53.37 ? 9   DG B "O3'" 1 
ATOM   360 C  "C2'" . DG B 1 9  ? 3.630   -0.876  -9.860  1.00 47.16 ? 9   DG B "C2'" 1 
ATOM   361 C  "C1'" . DG B 1 9  ? 3.749   0.054   -8.660  1.00 43.66 ? 9   DG B "C1'" 1 
ATOM   362 N  N9    . DG B 1 9  ? 2.632   -0.001  -7.704  1.00 41.55 ? 9   DG B N9    1 
ATOM   363 C  C8    . DG B 1 9  ? 1.292   -0.148  -7.972  1.00 38.83 ? 9   DG B C8    1 
ATOM   364 N  N7    . DG B 1 9  ? 0.546   -0.142  -6.896  1.00 37.57 ? 9   DG B N7    1 
ATOM   365 C  C5    . DG B 1 9  ? 1.456   0.022   -5.852  1.00 42.42 ? 9   DG B C5    1 
ATOM   366 C  C6    . DG B 1 9  ? 1.255   0.105   -4.442  1.00 38.56 ? 9   DG B C6    1 
ATOM   367 O  O6    . DG B 1 9  ? 0.197   0.065   -3.811  1.00 36.37 ? 9   DG B O6    1 
ATOM   368 N  N1    . DG B 1 9  ? 2.456   0.270   -3.761  1.00 38.45 ? 9   DG B N1    1 
ATOM   369 C  C2    . DG B 1 9  ? 3.690   0.354   -4.361  1.00 40.29 ? 9   DG B C2    1 
ATOM   370 N  N2    . DG B 1 9  ? 4.748   0.510   -3.553  1.00 40.74 ? 9   DG B N2    1 
ATOM   371 N  N3    . DG B 1 9  ? 3.885   0.279   -5.656  1.00 41.49 ? 9   DG B N3    1 
ATOM   372 C  C4    . DG B 1 9  ? 2.734   0.117   -6.340  1.00 40.29 ? 9   DG B C4    1 
ATOM   373 P  P     . DA B 1 10 ? 7.058   -0.560  -11.677 1.00 58.08 ? 10  DA B P     1 
ATOM   374 O  OP1   . DA B 1 10 ? 8.289   -1.155  -11.114 1.00 52.71 ? 10  DA B OP1   1 
ATOM   375 O  OP2   . DA B 1 10 ? 7.141   0.757   -12.362 1.00 56.97 ? 10  DA B OP2   1 
ATOM   376 O  "O5'" . DA B 1 10 ? 6.407   -1.636  -12.668 1.00 51.31 ? 10  DA B "O5'" 1 
ATOM   377 C  "C5'" . DA B 1 10 ? 7.231   -2.403  -13.533 1.00 53.56 ? 10  DA B "C5'" 1 
ATOM   378 C  "C4'" . DA B 1 10 ? 7.422   -3.815  -12.998 1.00 46.33 ? 10  DA B "C4'" 1 
ATOM   379 O  "O4'" . DA B 1 10 ? 8.613   -3.859  -12.169 1.00 52.48 ? 10  DA B "O4'" 1 
ATOM   380 C  "C3'" . DA B 1 10 ? 6.285   -4.343  -12.113 1.00 56.00 ? 10  DA B "C3'" 1 
ATOM   381 O  "O3'" . DA B 1 10 ? 6.105   -5.754  -12.336 1.00 52.52 ? 10  DA B "O3'" 1 
ATOM   382 C  "C2'" . DA B 1 10 ? 6.815   -4.073  -10.705 1.00 53.80 ? 10  DA B "C2'" 1 
ATOM   383 C  "C1'" . DA B 1 10 ? 8.283   -4.409  -10.911 1.00 51.06 ? 10  DA B "C1'" 1 
HETATM 384 AG AG    . AG C 2 .  ? 0.131   -4.068  -0.523  1.00 35.10 ? 101 AG A AG    1 
HETATM 385 AG AG    . AG D 2 .  ? 0.817   -1.357  0.304   1.00 33.11 ? 102 AG A AG    1 
HETATM 386 AG AG    . AG E 2 .  ? 1.466   1.373   1.163   1.00 30.53 ? 103 AG A AG    1 
HETATM 387 AG AG    . AG F 2 .  ? 2.234   4.076   2.355   1.00 31.07 ? 104 AG A AG    1 
HETATM 388 AG AG    . AG G 2 .  ? -1.868  -2.358  -0.239  1.00 34.68 ? 105 AG A AG    1 
HETATM 389 AG AG    . AG H 2 .  ? -1.201  0.352   1.044   1.00 30.96 ? 106 AG A AG    1 
HETATM 390 AG AG    . AG I 2 .  ? -0.104  3.479   1.845   1.00 36.38 ? 107 AG A AG    1 
HETATM 391 AG AG    . AG J 2 .  ? 0.288   6.025   2.428   1.00 37.94 ? 108 AG A AG    1 
HETATM 392 AG AG    . AG K 2 .  ? 3.994   1.809   -0.465  0.41 42.18 ? 109 AG A AG    1 
HETATM 393 AG AG    . AG L 2 .  ? -1.079  -3.163  -2.722  1.00 39.32 ? 110 AG A AG    1 
HETATM 394 AG AG    . AG M 2 .  ? 1.320   -2.412  -2.204  1.00 38.03 ? 111 AG A AG    1 
HETATM 395 AG AG    . AG N 2 .  ? 1.547   0.716   -1.481  1.00 38.69 ? 112 AG A AG    1 
HETATM 396 AG AG    . AG O 2 .  ? 2.282   6.294   0.572   1.00 39.87 ? 113 AG A AG    1 
HETATM 397 AG AG    . AG P 2 .  ? -0.809  -0.559  -1.745  1.00 35.87 ? 101 AG B AG    1 
HETATM 398 AG AG    . AG Q 2 .  ? -0.429  2.259   -0.694  1.00 34.46 ? 102 AG B AG    1 
HETATM 399 AG AG    . AG R 2 .  ? 0.002   5.442   -0.134  1.00 36.89 ? 103 AG B AG    1 
HETATM 400 AG AG    . AG S 2 .  ? 1.879   3.644   -0.391  1.00 35.36 ? 104 AG B AG    1 
HETATM 401 AG AG    . AG T 2 .  ? -2.692  3.130   0.908   0.29 41.93 ? 105 AG B AG    1 
# 
loop_
_pdbx_poly_seq_scheme.asym_id 
_pdbx_poly_seq_scheme.entity_id 
_pdbx_poly_seq_scheme.seq_id 
_pdbx_poly_seq_scheme.mon_id 
_pdbx_poly_seq_scheme.ndb_seq_num 
_pdbx_poly_seq_scheme.pdb_seq_num 
_pdbx_poly_seq_scheme.auth_seq_num 
_pdbx_poly_seq_scheme.pdb_mon_id 
_pdbx_poly_seq_scheme.auth_mon_id 
_pdbx_poly_seq_scheme.pdb_strand_id 
_pdbx_poly_seq_scheme.pdb_ins_code 
_pdbx_poly_seq_scheme.hetero 
A 1 1  DC 1  1  1  DC DC A . n 
A 1 2  DA 2  2  2  DA DA A . n 
A 1 3  DC 3  3  3  DC DC A . n 
A 1 4  DC 4  4  4  DC DC A . n 
A 1 5  DG 5  5  5  DG DG A . n 
A 1 6  DA 6  6  6  DA DA A . n 
A 1 7  DG 7  7  7  DG DG A . n 
A 1 8  DC 8  8  8  DC DC A . n 
A 1 9  DG 9  9  9  DG DG A . n 
A 1 10 DA 10 10 10 DA DA A . n 
B 1 1  DC 1  1  1  DC DC B . n 
B 1 2  DA 2  2  2  DA DA B . n 
B 1 3  DC 3  3  3  DC DC B . n 
B 1 4  DC 4  4  4  DC DC B . n 
B 1 5  DG 5  5  5  DG DG B . n 
B 1 6  DA 6  6  6  DA DA B . n 
B 1 7  DG 7  7  7  DG DG B . n 
B 1 8  DC 8  8  8  DC DC B . n 
B 1 9  DG 9  9  9  DG DG B . n 
B 1 10 DA 10 10 10 DA DA B . n 
# 
loop_
_pdbx_nonpoly_scheme.asym_id 
_pdbx_nonpoly_scheme.entity_id 
_pdbx_nonpoly_scheme.mon_id 
_pdbx_nonpoly_scheme.ndb_seq_num 
_pdbx_nonpoly_scheme.pdb_seq_num 
_pdbx_nonpoly_scheme.auth_seq_num 
_pdbx_nonpoly_scheme.pdb_mon_id 
_pdbx_nonpoly_scheme.auth_mon_id 
_pdbx_nonpoly_scheme.pdb_strand_id 
_pdbx_nonpoly_scheme.pdb_ins_code 
C 2 AG 1 101 101 AG AG A . 
D 2 AG 1 102 102 AG AG A . 
E 2 AG 1 103 103 AG AG A . 
F 2 AG 1 104 104 AG AG A . 
G 2 AG 1 105 105 AG AG A . 
H 2 AG 1 106 106 AG AG A . 
I 2 AG 1 107 107 AG AG A . 
J 2 AG 1 108 108 AG AG A . 
K 2 AG 1 109 117 AG AG A . 
L 2 AG 1 110 109 AG AG A . 
M 2 AG 1 111 110 AG AG A . 
N 2 AG 1 112 111 AG AG A . 
O 2 AG 1 113 112 AG AG A . 
P 2 AG 1 101 113 AG AG B . 
Q 2 AG 1 102 114 AG AG B . 
R 2 AG 1 103 115 AG AG B . 
S 2 AG 1 104 116 AG AG B . 
T 2 AG 1 105 118 AG AG B . 
# 
_pdbx_struct_assembly.id                   1 
_pdbx_struct_assembly.details              author_and_software_defined_assembly 
_pdbx_struct_assembly.method_details       PISA 
_pdbx_struct_assembly.oligomeric_details   dimeric 
_pdbx_struct_assembly.oligomeric_count     2 
# 
_pdbx_struct_assembly_gen.assembly_id       1 
_pdbx_struct_assembly_gen.oper_expression   1 
_pdbx_struct_assembly_gen.asym_id_list      A,B,C,D,E,F,G,H,I,J,K,L,M,N,O,P,Q,R,S,T 
# 
loop_
_pdbx_struct_assembly_prop.biol_id 
_pdbx_struct_assembly_prop.type 
_pdbx_struct_assembly_prop.value 
_pdbx_struct_assembly_prop.details 
1 'ABSA (A^2)' 4120 ? 
1 MORE         -134 ? 
1 'SSA (A^2)'  2570 ? 
# 
_pdbx_struct_oper_list.id                   1 
_pdbx_struct_oper_list.type                 'identity operation' 
_pdbx_struct_oper_list.name                 1_555 
_pdbx_struct_oper_list.symmetry_operation   x,y,z 
_pdbx_struct_oper_list.matrix[1][1]         1.0000000000 
_pdbx_struct_oper_list.matrix[1][2]         0.0000000000 
_pdbx_struct_oper_list.matrix[1][3]         0.0000000000 
_pdbx_struct_oper_list.vector[1]            0.0000000000 
_pdbx_struct_oper_list.matrix[2][1]         0.0000000000 
_pdbx_struct_oper_list.matrix[2][2]         1.0000000000 
_pdbx_struct_oper_list.matrix[2][3]         0.0000000000 
_pdbx_struct_oper_list.vector[2]            0.0000000000 
_pdbx_struct_oper_list.matrix[3][1]         0.0000000000 
_pdbx_struct_oper_list.matrix[3][2]         0.0000000000 
_pdbx_struct_oper_list.matrix[3][3]         1.0000000000 
_pdbx_struct_oper_list.vector[3]            0.0000000000 
# 
loop_
_pdbx_struct_conn_angle.id 
_pdbx_struct_conn_angle.ptnr1_label_atom_id 
_pdbx_struct_conn_angle.ptnr1_label_alt_id 
_pdbx_struct_conn_angle.ptnr1_label_asym_id 
_pdbx_struct_conn_angle.ptnr1_label_comp_id 
_pdbx_struct_conn_angle.ptnr1_label_seq_id 
_pdbx_struct_conn_angle.ptnr1_auth_atom_id 
_pdbx_struct_conn_angle.ptnr1_auth_asym_id 
_pdbx_struct_conn_angle.ptnr1_auth_comp_id 
_pdbx_struct_conn_angle.ptnr1_auth_seq_id 
_pdbx_struct_conn_angle.ptnr1_PDB_ins_code 
_pdbx_struct_conn_angle.ptnr1_symmetry 
_pdbx_struct_conn_angle.ptnr2_label_atom_id 
_pdbx_struct_conn_angle.ptnr2_label_alt_id 
_pdbx_struct_conn_angle.ptnr2_label_asym_id 
_pdbx_struct_conn_angle.ptnr2_label_comp_id 
_pdbx_struct_conn_angle.ptnr2_label_seq_id 
_pdbx_struct_conn_angle.ptnr2_auth_atom_id 
_pdbx_struct_conn_angle.ptnr2_auth_asym_id 
_pdbx_struct_conn_angle.ptnr2_auth_comp_id 
_pdbx_struct_conn_angle.ptnr2_auth_seq_id 
_pdbx_struct_conn_angle.ptnr2_PDB_ins_code 
_pdbx_struct_conn_angle.ptnr2_symmetry 
_pdbx_struct_conn_angle.ptnr3_label_atom_id 
_pdbx_struct_conn_angle.ptnr3_label_alt_id 
_pdbx_struct_conn_angle.ptnr3_label_asym_id 
_pdbx_struct_conn_angle.ptnr3_label_comp_id 
_pdbx_struct_conn_angle.ptnr3_label_seq_id 
_pdbx_struct_conn_angle.ptnr3_auth_atom_id 
_pdbx_struct_conn_angle.ptnr3_auth_asym_id 
_pdbx_struct_conn_angle.ptnr3_auth_comp_id 
_pdbx_struct_conn_angle.ptnr3_auth_seq_id 
_pdbx_struct_conn_angle.ptnr3_PDB_ins_code 
_pdbx_struct_conn_angle.ptnr3_symmetry 
_pdbx_struct_conn_angle.value 
_pdbx_struct_conn_angle.value_esd 
1  O2  ? A DC 1 ? A DC 1 ? 1_555 AG ? C AG . ? A AG 101 ? 1_555 N3  ? A DC 3 ? A DC 3 ? 1_555 95.7  ? 
2  N3  ? A DC 1 ? A DC 1 ? 1_555 AG ? G AG . ? A AG 105 ? 1_555 O2  ? B DC 3 ? B DC 3 ? 1_555 75.4  ? 
3  N3  ? A DC 1 ? A DC 1 ? 1_555 AG ? G AG . ? A AG 105 ? 1_555 O2  ? B DC 4 ? B DC 4 ? 1_555 99.5  ? 
4  O2  ? B DC 3 ? B DC 3 ? 1_555 AG ? G AG . ? A AG 105 ? 1_555 O2  ? B DC 4 ? B DC 4 ? 1_555 85.5  ? 
5  N1  ? A DA 2 ? A DA 2 ? 1_555 AG ? L AG . ? A AG 110 ? 1_555 O2  ? B DC 1 ? B DC 1 ? 1_555 86.8  ? 
6  N1  ? A DA 2 ? A DA 2 ? 1_555 AG ? L AG . ? A AG 110 ? 1_555 O2  ? B DC 3 ? B DC 3 ? 1_555 85.9  ? 
7  O2  ? B DC 1 ? B DC 1 ? 1_555 AG ? L AG . ? A AG 110 ? 1_555 O2  ? B DC 3 ? B DC 3 ? 1_555 136.6 ? 
8  N1  ? A DA 2 ? A DA 2 ? 1_555 AG ? L AG . ? A AG 110 ? 1_555 N3  ? B DC 3 ? B DC 3 ? 1_555 98.6  ? 
9  O2  ? B DC 1 ? B DC 1 ? 1_555 AG ? L AG . ? A AG 110 ? 1_555 N3  ? B DC 3 ? B DC 3 ? 1_555 84.2  ? 
10 O2  ? B DC 3 ? B DC 3 ? 1_555 AG ? L AG . ? A AG 110 ? 1_555 N3  ? B DC 3 ? B DC 3 ? 1_555 54.9  ? 
11 O2  ? A DC 3 ? A DC 3 ? 1_555 AG ? M AG . ? A AG 111 ? 1_555 O2  ? A DC 4 ? A DC 4 ? 1_555 80.4  ? 
12 O2  ? A DC 3 ? A DC 3 ? 1_555 AG ? M AG . ? A AG 111 ? 1_555 N3  ? B DC 1 ? B DC 1 ? 1_555 75.8  ? 
13 O2  ? A DC 4 ? A DC 4 ? 1_555 AG ? M AG . ? A AG 111 ? 1_555 N3  ? B DC 1 ? B DC 1 ? 1_555 96.8  ? 
14 N3  ? A DC 4 ? A DC 4 ? 1_555 AG ? D AG . ? A AG 102 ? 1_555 O6  ? A DG 9 ? A DG 9 ? 1_555 86.6  ? 
15 O2  ? A DC 4 ? A DC 4 ? 1_555 AG ? N AG . ? A AG 112 ? 1_555 N1  ? B DG 9 ? B DG 9 ? 1_555 72.3  ? 
16 OP1 ? A DA 6 ? A DA 6 ? 1_555 AG ? F AG . ? A AG 104 ? 1_555 N7  ? A DG 7 ? A DG 7 ? 1_555 108.7 ? 
17 N7  ? A DA 6 ? A DA 6 ? 1_555 AG ? J AG . ? A AG 108 ? 1_555 O6  ? A DG 7 ? A DG 7 ? 1_555 105.9 ? 
18 N7  ? A DA 6 ? A DA 6 ? 1_555 AG ? J AG . ? A AG 108 ? 1_555 OP2 ? B DA 6 ? B DA 6 ? 1_555 101.1 ? 
19 O6  ? A DG 7 ? A DG 7 ? 1_555 AG ? J AG . ? A AG 108 ? 1_555 OP2 ? B DA 6 ? B DA 6 ? 1_555 75.0  ? 
20 OP2 ? A DA 6 ? A DA 6 ? 1_555 AG ? O AG . ? A AG 113 ? 1_555 O6  ? B DG 7 ? B DG 7 ? 1_555 76.5  ? 
21 O6  ? A DG 7 ? A DG 7 ? 1_555 AG ? I AG . ? A AG 107 ? 1_555 O2  ? A DC 8 ? A DC 8 ? 1_555 76.0  ? 
22 N1  ? A DG 9 ? A DG 9 ? 1_555 AG ? H AG . ? A AG 106 ? 1_555 O2  ? B DC 4 ? B DC 4 ? 1_555 85.8  ? 
23 N3  ? B DC 4 ? B DC 4 ? 1_555 AG ? P AG . ? B AG 101 ? 1_555 O6  ? B DG 9 ? B DG 9 ? 1_555 94.3  ? 
24 OP1 ? B DA 6 ? B DA 6 ? 1_555 AG ? R AG . ? B AG 103 ? 1_555 N7  ? B DG 7 ? B DG 7 ? 1_555 89.9  ? 
# 
loop_
_pdbx_audit_revision_history.ordinal 
_pdbx_audit_revision_history.data_content_type 
_pdbx_audit_revision_history.major_revision 
_pdbx_audit_revision_history.minor_revision 
_pdbx_audit_revision_history.revision_date 
1 'Structure model' 1 0 2020-12-16 
2 'Structure model' 1 1 2023-11-29 
# 
_pdbx_audit_revision_details.ordinal             1 
_pdbx_audit_revision_details.revision_ordinal    1 
_pdbx_audit_revision_details.data_content_type   'Structure model' 
_pdbx_audit_revision_details.provider            repository 
_pdbx_audit_revision_details.type                'Initial release' 
_pdbx_audit_revision_details.description         ? 
_pdbx_audit_revision_details.details             ? 
# 
loop_
_pdbx_audit_revision_group.ordinal 
_pdbx_audit_revision_group.revision_ordinal 
_pdbx_audit_revision_group.data_content_type 
_pdbx_audit_revision_group.group 
1 2 'Structure model' 'Data collection'        
2 2 'Structure model' 'Database references'    
3 2 'Structure model' 'Refinement description' 
# 
loop_
_pdbx_audit_revision_category.ordinal 
_pdbx_audit_revision_category.revision_ordinal 
_pdbx_audit_revision_category.data_content_type 
_pdbx_audit_revision_category.category 
1 2 'Structure model' chem_comp_atom                
2 2 'Structure model' chem_comp_bond                
3 2 'Structure model' citation                      
4 2 'Structure model' database_2                    
5 2 'Structure model' pdbx_initial_refinement_model 
# 
loop_
_pdbx_audit_revision_item.ordinal 
_pdbx_audit_revision_item.revision_ordinal 
_pdbx_audit_revision_item.data_content_type 
_pdbx_audit_revision_item.item 
1 2 'Structure model' '_citation.country'                   
2 2 'Structure model' '_database_2.pdbx_DOI'                
3 2 'Structure model' '_database_2.pdbx_database_accession' 
# 
loop_
_software.citation_id 
_software.classification 
_software.compiler_name 
_software.compiler_version 
_software.contact_author 
_software.contact_author_email 
_software.date 
_software.description 
_software.dependencies 
_software.hardware 
_software.language 
_software.location 
_software.mods 
_software.name 
_software.os 
_software.os_version 
_software.type 
_software.version 
_software.pdbx_ordinal 
? 'data scaling'    ? ? ? ? ? ? ? ? ? ? ? XSCALE      ? ? ? .      1 
? refinement        ? ? ? ? ? ? ? ? ? ? ? PHENIX      ? ? ? 1.17.1 2 
? 'data extraction' ? ? ? ? ? ? ? ? ? ? ? PDB_EXTRACT ? ? ? 3.25   3 
? phasing           ? ? ? ? ? ? ? ? ? ? ? PHENIX      ? ? ? .      4 
? 'data reduction'  ? ? ? ? ? ? ? ? ? ? ? XDS         ? ? ? .      5 
# 
_pdbx_entry_details.entry_id                 7BSG 
_pdbx_entry_details.has_ligand_of_interest   Y 
_pdbx_entry_details.compound_details         ? 
_pdbx_entry_details.source_details           ? 
_pdbx_entry_details.nonpolymer_details       ? 
_pdbx_entry_details.sequence_details         ? 
# 
loop_
_pdbx_validate_rmsd_bond.id 
_pdbx_validate_rmsd_bond.PDB_model_num 
_pdbx_validate_rmsd_bond.auth_atom_id_1 
_pdbx_validate_rmsd_bond.auth_asym_id_1 
_pdbx_validate_rmsd_bond.auth_comp_id_1 
_pdbx_validate_rmsd_bond.auth_seq_id_1 
_pdbx_validate_rmsd_bond.PDB_ins_code_1 
_pdbx_validate_rmsd_bond.label_alt_id_1 
_pdbx_validate_rmsd_bond.auth_atom_id_2 
_pdbx_validate_rmsd_bond.auth_asym_id_2 
_pdbx_validate_rmsd_bond.auth_comp_id_2 
_pdbx_validate_rmsd_bond.auth_seq_id_2 
_pdbx_validate_rmsd_bond.PDB_ins_code_2 
_pdbx_validate_rmsd_bond.label_alt_id_2 
_pdbx_validate_rmsd_bond.bond_value 
_pdbx_validate_rmsd_bond.bond_target_value 
_pdbx_validate_rmsd_bond.bond_deviation 
_pdbx_validate_rmsd_bond.bond_standard_deviation 
_pdbx_validate_rmsd_bond.linker_flag 
1 1 "O3'" A DG 9 ? ? P     A DA 10 ? ? 1.535 1.607 -0.072 0.012 Y 
2 1 "O3'" B DC 4 ? ? "C3'" B DC 4  ? ? 1.380 1.419 -0.039 0.006 N 
# 
loop_
_pdbx_validate_rmsd_angle.id 
_pdbx_validate_rmsd_angle.PDB_model_num 
_pdbx_validate_rmsd_angle.auth_atom_id_1 
_pdbx_validate_rmsd_angle.auth_asym_id_1 
_pdbx_validate_rmsd_angle.auth_comp_id_1 
_pdbx_validate_rmsd_angle.auth_seq_id_1 
_pdbx_validate_rmsd_angle.PDB_ins_code_1 
_pdbx_validate_rmsd_angle.label_alt_id_1 
_pdbx_validate_rmsd_angle.auth_atom_id_2 
_pdbx_validate_rmsd_angle.auth_asym_id_2 
_pdbx_validate_rmsd_angle.auth_comp_id_2 
_pdbx_validate_rmsd_angle.auth_seq_id_2 
_pdbx_validate_rmsd_angle.PDB_ins_code_2 
_pdbx_validate_rmsd_angle.label_alt_id_2 
_pdbx_validate_rmsd_angle.auth_atom_id_3 
_pdbx_validate_rmsd_angle.auth_asym_id_3 
_pdbx_validate_rmsd_angle.auth_comp_id_3 
_pdbx_validate_rmsd_angle.auth_seq_id_3 
_pdbx_validate_rmsd_angle.PDB_ins_code_3 
_pdbx_validate_rmsd_angle.label_alt_id_3 
_pdbx_validate_rmsd_angle.angle_value 
_pdbx_validate_rmsd_angle.angle_target_value 
_pdbx_validate_rmsd_angle.angle_deviation 
_pdbx_validate_rmsd_angle.angle_standard_deviation 
_pdbx_validate_rmsd_angle.linker_flag 
1 1 "O4'" A DG 7 ? ? "C1'" A DG 7 ? ? N9    A DG 7 ? ? 110.87 108.30 2.57  0.30 N 
2 1 "O5'" A DG 9 ? ? P     A DG 9 ? ? OP1   A DG 9 ? ? 118.09 110.70 7.39  1.20 N 
3 1 "C3'" B DG 7 ? ? "C2'" B DG 7 ? ? "C1'" B DG 7 ? ? 97.02  102.40 -5.38 0.80 N 
4 1 "O4'" B DG 7 ? ? "C1'" B DG 7 ? ? N9    B DG 7 ? ? 111.84 108.30 3.54  0.30 N 
# 
loop_
_pdbx_unobs_or_zero_occ_atoms.id 
_pdbx_unobs_or_zero_occ_atoms.PDB_model_num 
_pdbx_unobs_or_zero_occ_atoms.polymer_flag 
_pdbx_unobs_or_zero_occ_atoms.occupancy_flag 
_pdbx_unobs_or_zero_occ_atoms.auth_asym_id 
_pdbx_unobs_or_zero_occ_atoms.auth_comp_id 
_pdbx_unobs_or_zero_occ_atoms.auth_seq_id 
_pdbx_unobs_or_zero_occ_atoms.PDB_ins_code 
_pdbx_unobs_or_zero_occ_atoms.auth_atom_id 
_pdbx_unobs_or_zero_occ_atoms.label_alt_id 
_pdbx_unobs_or_zero_occ_atoms.label_asym_id 
_pdbx_unobs_or_zero_occ_atoms.label_comp_id 
_pdbx_unobs_or_zero_occ_atoms.label_seq_id 
_pdbx_unobs_or_zero_occ_atoms.label_atom_id 
1  1 Y 1 A DG 5  ? N9 ? A DG 5  N9 
2  1 Y 1 A DG 5  ? C8 ? A DG 5  C8 
3  1 Y 1 A DG 5  ? N7 ? A DG 5  N7 
4  1 Y 1 A DG 5  ? C5 ? A DG 5  C5 
5  1 Y 1 A DG 5  ? C6 ? A DG 5  C6 
6  1 Y 1 A DG 5  ? O6 ? A DG 5  O6 
7  1 Y 1 A DG 5  ? N1 ? A DG 5  N1 
8  1 Y 1 A DG 5  ? C2 ? A DG 5  C2 
9  1 Y 1 A DG 5  ? N2 ? A DG 5  N2 
10 1 Y 1 A DG 5  ? N3 ? A DG 5  N3 
11 1 Y 1 A DG 5  ? C4 ? A DG 5  C4 
12 1 Y 1 B DA 10 ? N9 ? B DA 10 N9 
13 1 Y 1 B DA 10 ? C8 ? B DA 10 C8 
14 1 Y 1 B DA 10 ? N7 ? B DA 10 N7 
15 1 Y 1 B DA 10 ? C5 ? B DA 10 C5 
16 1 Y 1 B DA 10 ? C6 ? B DA 10 C6 
17 1 Y 1 B DA 10 ? N6 ? B DA 10 N6 
18 1 Y 1 B DA 10 ? N1 ? B DA 10 N1 
19 1 Y 1 B DA 10 ? C2 ? B DA 10 C2 
20 1 Y 1 B DA 10 ? N3 ? B DA 10 N3 
21 1 Y 1 B DA 10 ? C4 ? B DA 10 C4 
# 
loop_
_chem_comp_atom.comp_id 
_chem_comp_atom.atom_id 
_chem_comp_atom.type_symbol 
_chem_comp_atom.pdbx_aromatic_flag 
_chem_comp_atom.pdbx_stereo_config 
_chem_comp_atom.pdbx_ordinal 
AG AG     AG N N 1   
DA OP3    O  N N 2   
DA P      P  N N 3   
DA OP1    O  N N 4   
DA OP2    O  N N 5   
DA "O5'"  O  N N 6   
DA "C5'"  C  N N 7   
DA "C4'"  C  N R 8   
DA "O4'"  O  N N 9   
DA "C3'"  C  N S 10  
DA "O3'"  O  N N 11  
DA "C2'"  C  N N 12  
DA "C1'"  C  N R 13  
DA N9     N  Y N 14  
DA C8     C  Y N 15  
DA N7     N  Y N 16  
DA C5     C  Y N 17  
DA C6     C  Y N 18  
DA N6     N  N N 19  
DA N1     N  Y N 20  
DA C2     C  Y N 21  
DA N3     N  Y N 22  
DA C4     C  Y N 23  
DA HOP3   H  N N 24  
DA HOP2   H  N N 25  
DA "H5'"  H  N N 26  
DA "H5''" H  N N 27  
DA "H4'"  H  N N 28  
DA "H3'"  H  N N 29  
DA "HO3'" H  N N 30  
DA "H2'"  H  N N 31  
DA "H2''" H  N N 32  
DA "H1'"  H  N N 33  
DA H8     H  N N 34  
DA H61    H  N N 35  
DA H62    H  N N 36  
DA H2     H  N N 37  
DC OP3    O  N N 38  
DC P      P  N N 39  
DC OP1    O  N N 40  
DC OP2    O  N N 41  
DC "O5'"  O  N N 42  
DC "C5'"  C  N N 43  
DC "C4'"  C  N R 44  
DC "O4'"  O  N N 45  
DC "C3'"  C  N S 46  
DC "O3'"  O  N N 47  
DC "C2'"  C  N N 48  
DC "C1'"  C  N R 49  
DC N1     N  N N 50  
DC C2     C  N N 51  
DC O2     O  N N 52  
DC N3     N  N N 53  
DC C4     C  N N 54  
DC N4     N  N N 55  
DC C5     C  N N 56  
DC C6     C  N N 57  
DC HOP3   H  N N 58  
DC HOP2   H  N N 59  
DC "H5'"  H  N N 60  
DC "H5''" H  N N 61  
DC "H4'"  H  N N 62  
DC "H3'"  H  N N 63  
DC "HO3'" H  N N 64  
DC "H2'"  H  N N 65  
DC "H2''" H  N N 66  
DC "H1'"  H  N N 67  
DC H41    H  N N 68  
DC H42    H  N N 69  
DC H5     H  N N 70  
DC H6     H  N N 71  
DG OP3    O  N N 72  
DG P      P  N N 73  
DG OP1    O  N N 74  
DG OP2    O  N N 75  
DG "O5'"  O  N N 76  
DG "C5'"  C  N N 77  
DG "C4'"  C  N R 78  
DG "O4'"  O  N N 79  
DG "C3'"  C  N S 80  
DG "O3'"  O  N N 81  
DG "C2'"  C  N N 82  
DG "C1'"  C  N R 83  
DG N9     N  Y N 84  
DG C8     C  Y N 85  
DG N7     N  Y N 86  
DG C5     C  Y N 87  
DG C6     C  N N 88  
DG O6     O  N N 89  
DG N1     N  N N 90  
DG C2     C  N N 91  
DG N2     N  N N 92  
DG N3     N  N N 93  
DG C4     C  Y N 94  
DG HOP3   H  N N 95  
DG HOP2   H  N N 96  
DG "H5'"  H  N N 97  
DG "H5''" H  N N 98  
DG "H4'"  H  N N 99  
DG "H3'"  H  N N 100 
DG "HO3'" H  N N 101 
DG "H2'"  H  N N 102 
DG "H2''" H  N N 103 
DG "H1'"  H  N N 104 
DG H8     H  N N 105 
DG H1     H  N N 106 
DG H21    H  N N 107 
DG H22    H  N N 108 
# 
loop_
_chem_comp_bond.comp_id 
_chem_comp_bond.atom_id_1 
_chem_comp_bond.atom_id_2 
_chem_comp_bond.value_order 
_chem_comp_bond.pdbx_aromatic_flag 
_chem_comp_bond.pdbx_stereo_config 
_chem_comp_bond.pdbx_ordinal 
DA OP3   P      sing N N 1   
DA OP3   HOP3   sing N N 2   
DA P     OP1    doub N N 3   
DA P     OP2    sing N N 4   
DA P     "O5'"  sing N N 5   
DA OP2   HOP2   sing N N 6   
DA "O5'" "C5'"  sing N N 7   
DA "C5'" "C4'"  sing N N 8   
DA "C5'" "H5'"  sing N N 9   
DA "C5'" "H5''" sing N N 10  
DA "C4'" "O4'"  sing N N 11  
DA "C4'" "C3'"  sing N N 12  
DA "C4'" "H4'"  sing N N 13  
DA "O4'" "C1'"  sing N N 14  
DA "C3'" "O3'"  sing N N 15  
DA "C3'" "C2'"  sing N N 16  
DA "C3'" "H3'"  sing N N 17  
DA "O3'" "HO3'" sing N N 18  
DA "C2'" "C1'"  sing N N 19  
DA "C2'" "H2'"  sing N N 20  
DA "C2'" "H2''" sing N N 21  
DA "C1'" N9     sing N N 22  
DA "C1'" "H1'"  sing N N 23  
DA N9    C8     sing Y N 24  
DA N9    C4     sing Y N 25  
DA C8    N7     doub Y N 26  
DA C8    H8     sing N N 27  
DA N7    C5     sing Y N 28  
DA C5    C6     sing Y N 29  
DA C5    C4     doub Y N 30  
DA C6    N6     sing N N 31  
DA C6    N1     doub Y N 32  
DA N6    H61    sing N N 33  
DA N6    H62    sing N N 34  
DA N1    C2     sing Y N 35  
DA C2    N3     doub Y N 36  
DA C2    H2     sing N N 37  
DA N3    C4     sing Y N 38  
DC OP3   P      sing N N 39  
DC OP3   HOP3   sing N N 40  
DC P     OP1    doub N N 41  
DC P     OP2    sing N N 42  
DC P     "O5'"  sing N N 43  
DC OP2   HOP2   sing N N 44  
DC "O5'" "C5'"  sing N N 45  
DC "C5'" "C4'"  sing N N 46  
DC "C5'" "H5'"  sing N N 47  
DC "C5'" "H5''" sing N N 48  
DC "C4'" "O4'"  sing N N 49  
DC "C4'" "C3'"  sing N N 50  
DC "C4'" "H4'"  sing N N 51  
DC "O4'" "C1'"  sing N N 52  
DC "C3'" "O3'"  sing N N 53  
DC "C3'" "C2'"  sing N N 54  
DC "C3'" "H3'"  sing N N 55  
DC "O3'" "HO3'" sing N N 56  
DC "C2'" "C1'"  sing N N 57  
DC "C2'" "H2'"  sing N N 58  
DC "C2'" "H2''" sing N N 59  
DC "C1'" N1     sing N N 60  
DC "C1'" "H1'"  sing N N 61  
DC N1    C2     sing N N 62  
DC N1    C6     sing N N 63  
DC C2    O2     doub N N 64  
DC C2    N3     sing N N 65  
DC N3    C4     doub N N 66  
DC C4    N4     sing N N 67  
DC C4    C5     sing N N 68  
DC N4    H41    sing N N 69  
DC N4    H42    sing N N 70  
DC C5    C6     doub N N 71  
DC C5    H5     sing N N 72  
DC C6    H6     sing N N 73  
DG OP3   P      sing N N 74  
DG OP3   HOP3   sing N N 75  
DG P     OP1    doub N N 76  
DG P     OP2    sing N N 77  
DG P     "O5'"  sing N N 78  
DG OP2   HOP2   sing N N 79  
DG "O5'" "C5'"  sing N N 80  
DG "C5'" "C4'"  sing N N 81  
DG "C5'" "H5'"  sing N N 82  
DG "C5'" "H5''" sing N N 83  
DG "C4'" "O4'"  sing N N 84  
DG "C4'" "C3'"  sing N N 85  
DG "C4'" "H4'"  sing N N 86  
DG "O4'" "C1'"  sing N N 87  
DG "C3'" "O3'"  sing N N 88  
DG "C3'" "C2'"  sing N N 89  
DG "C3'" "H3'"  sing N N 90  
DG "O3'" "HO3'" sing N N 91  
DG "C2'" "C1'"  sing N N 92  
DG "C2'" "H2'"  sing N N 93  
DG "C2'" "H2''" sing N N 94  
DG "C1'" N9     sing N N 95  
DG "C1'" "H1'"  sing N N 96  
DG N9    C8     sing Y N 97  
DG N9    C4     sing Y N 98  
DG C8    N7     doub Y N 99  
DG C8    H8     sing N N 100 
DG N7    C5     sing Y N 101 
DG C5    C6     sing N N 102 
DG C5    C4     doub Y N 103 
DG C6    O6     doub N N 104 
DG C6    N1     sing N N 105 
DG N1    C2     sing N N 106 
DG N1    H1     sing N N 107 
DG C2    N2     sing N N 108 
DG C2    N3     doub N N 109 
DG N2    H21    sing N N 110 
DG N2    H22    sing N N 111 
DG N3    C4     sing N N 112 
# 
_ndb_struct_conf_na.entry_id   7BSG 
_ndb_struct_conf_na.feature    'double helix' 
# 
loop_
_ndb_struct_na_base_pair.model_number 
_ndb_struct_na_base_pair.i_label_asym_id 
_ndb_struct_na_base_pair.i_label_comp_id 
_ndb_struct_na_base_pair.i_label_seq_id 
_ndb_struct_na_base_pair.i_symmetry 
_ndb_struct_na_base_pair.j_label_asym_id 
_ndb_struct_na_base_pair.j_label_comp_id 
_ndb_struct_na_base_pair.j_label_seq_id 
_ndb_struct_na_base_pair.j_symmetry 
_ndb_struct_na_base_pair.shear 
_ndb_struct_na_base_pair.stretch 
_ndb_struct_na_base_pair.stagger 
_ndb_struct_na_base_pair.buckle 
_ndb_struct_na_base_pair.propeller 
_ndb_struct_na_base_pair.opening 
_ndb_struct_na_base_pair.pair_number 
_ndb_struct_na_base_pair.pair_name 
_ndb_struct_na_base_pair.i_auth_asym_id 
_ndb_struct_na_base_pair.i_auth_seq_id 
_ndb_struct_na_base_pair.i_PDB_ins_code 
_ndb_struct_na_base_pair.j_auth_asym_id 
_ndb_struct_na_base_pair.j_auth_seq_id 
_ndb_struct_na_base_pair.j_PDB_ins_code 
_ndb_struct_na_base_pair.hbond_type_28 
_ndb_struct_na_base_pair.hbond_type_12 
1 B DC 3 1_555 A DA 2 1_555 0.568  -2.660 1.347  22.869  26.500  -127.336 1 B_DC3:DA2_A B 3 ? A 2 ? ?  ? 
1 A DC 1 1_555 A DC 3 1_555 1.553  -3.384 0.276  -29.303 16.004  -84.211  2 A_DC1:DC3_A A 1 ? A 3 ? ?  ? 
1 B DC 4 1_555 B DG 9 1_555 1.878  1.595  -1.394 7.153   -34.223 -90.157  3 B_DC4:DG9_B B 4 ? B 9 ? ?  ? 
1 A DA 6 1_555 B DG 5 1_555 -3.049 3.944  -0.790 19.062  22.956  72.791   4 A_DA6:DG5_B A 6 ? B 5 ? 10 6 
1 A DC 4 1_555 B DC 1 1_555 1.236  -3.506 0.006  23.525  27.678  -85.031  5 A_DC4:DC1_B A 4 ? B 1 ? ?  ? 
# 
loop_
_ndb_struct_na_base_pair_step.model_number 
_ndb_struct_na_base_pair_step.i_label_asym_id_1 
_ndb_struct_na_base_pair_step.i_label_comp_id_1 
_ndb_struct_na_base_pair_step.i_label_seq_id_1 
_ndb_struct_na_base_pair_step.i_symmetry_1 
_ndb_struct_na_base_pair_step.j_label_asym_id_1 
_ndb_struct_na_base_pair_step.j_label_comp_id_1 
_ndb_struct_na_base_pair_step.j_label_seq_id_1 
_ndb_struct_na_base_pair_step.j_symmetry_1 
_ndb_struct_na_base_pair_step.i_label_asym_id_2 
_ndb_struct_na_base_pair_step.i_label_comp_id_2 
_ndb_struct_na_base_pair_step.i_label_seq_id_2 
_ndb_struct_na_base_pair_step.i_symmetry_2 
_ndb_struct_na_base_pair_step.j_label_asym_id_2 
_ndb_struct_na_base_pair_step.j_label_comp_id_2 
_ndb_struct_na_base_pair_step.j_label_seq_id_2 
_ndb_struct_na_base_pair_step.j_symmetry_2 
_ndb_struct_na_base_pair_step.shift 
_ndb_struct_na_base_pair_step.slide 
_ndb_struct_na_base_pair_step.rise 
_ndb_struct_na_base_pair_step.tilt 
_ndb_struct_na_base_pair_step.roll 
_ndb_struct_na_base_pair_step.twist 
_ndb_struct_na_base_pair_step.x_displacement 
_ndb_struct_na_base_pair_step.y_displacement 
_ndb_struct_na_base_pair_step.helical_rise 
_ndb_struct_na_base_pair_step.inclination 
_ndb_struct_na_base_pair_step.tip 
_ndb_struct_na_base_pair_step.helical_twist 
_ndb_struct_na_base_pair_step.step_number 
_ndb_struct_na_base_pair_step.step_name 
_ndb_struct_na_base_pair_step.i_auth_asym_id_1 
_ndb_struct_na_base_pair_step.i_auth_seq_id_1 
_ndb_struct_na_base_pair_step.i_PDB_ins_code_1 
_ndb_struct_na_base_pair_step.j_auth_asym_id_1 
_ndb_struct_na_base_pair_step.j_auth_seq_id_1 
_ndb_struct_na_base_pair_step.j_PDB_ins_code_1 
_ndb_struct_na_base_pair_step.i_auth_asym_id_2 
_ndb_struct_na_base_pair_step.i_auth_seq_id_2 
_ndb_struct_na_base_pair_step.i_PDB_ins_code_2 
_ndb_struct_na_base_pair_step.j_auth_asym_id_2 
_ndb_struct_na_base_pair_step.j_auth_seq_id_2 
_ndb_struct_na_base_pair_step.j_PDB_ins_code_2 
1 B DC 3 1_555 A DA 2 1_555 A DC 1 1_555 A DC 3 1_555 1.005  2.315  2.619 -2.844 -3.618 73.360  2.025 -0.911 2.484 -3.025 2.379  
73.484  1 BA_DC3DC1:DC3DA2_AA B 3 ? A 2 ? A 1 ? A 3 ? 
1 A DC 1 1_555 A DC 3 1_555 B DC 4 1_555 B DG 9 1_555 -1.510 -4.023 2.210 30.565 9.423  -77.536 2.847 -0.520 2.943 -7.245 23.502 
-82.904 2 AB_DC1DC4:DG9DC3_BA A 1 ? A 3 ? B 4 ? B 9 ? 
# 
_pdbx_audit_support.funding_organization   'Ministry of Education, Culture, Sports, Science and Technology (Japan)' 
_pdbx_audit_support.country                Japan 
_pdbx_audit_support.grant_number           ? 
_pdbx_audit_support.ordinal                1 
# 
_pdbx_entity_instance_feature.ordinal        1 
_pdbx_entity_instance_feature.comp_id        AG 
_pdbx_entity_instance_feature.asym_id        ? 
_pdbx_entity_instance_feature.seq_num        ? 
_pdbx_entity_instance_feature.auth_comp_id   AG 
_pdbx_entity_instance_feature.auth_asym_id   ? 
_pdbx_entity_instance_feature.auth_seq_num   ? 
_pdbx_entity_instance_feature.feature_type   'SUBJECT OF INVESTIGATION' 
_pdbx_entity_instance_feature.details        ? 
# 
_pdbx_entity_nonpoly.entity_id   2 
_pdbx_entity_nonpoly.name        'SILVER ION' 
_pdbx_entity_nonpoly.comp_id     AG 
# 
_pdbx_initial_refinement_model.id               1 
_pdbx_initial_refinement_model.entity_id_list   ? 
_pdbx_initial_refinement_model.type             'experimental model' 
_pdbx_initial_refinement_model.source_name      PDB 
_pdbx_initial_refinement_model.accession_code   6JR4 
_pdbx_initial_refinement_model.details          ? 
# 
_pdbx_struct_assembly_auth_evidence.id                     1 
_pdbx_struct_assembly_auth_evidence.assembly_id            1 
_pdbx_struct_assembly_auth_evidence.experimental_support   none 
_pdbx_struct_assembly_auth_evidence.details                ? 
# 
